data_8GS4
#
_entry.id   8GS4
#
_cell.length_a   1.00
_cell.length_b   1.00
_cell.length_c   1.00
_cell.angle_alpha   90.00
_cell.angle_beta   90.00
_cell.angle_gamma   90.00
#
_symmetry.space_group_name_H-M   'P 1'
#
_entity_poly.entity_id   1
_entity_poly.type   'polypeptide(L)'
_entity_poly.pdbx_seq_one_letter_code
;MWLLALCLVGLAGAQRGGGGPGGGAPGGPGLGLGSLGEERFPVVNTAYGRVRGVRRELNNEILGPVVQFLGVPYATPPLG
ARRFQPPEAPASWPGVRNATTLPPACPQNLHGALPAIMLPVWFTDNLEAAATYVQNQSEDCLYLNLYVPTEDGPLTKKRD
EATLNPPDTDIRDPGKKPVMLFLHGGSYMEGTGNMFDGSVLAAYGNVIVATLNYRLGVLGFLSTGDQAAKGNYGLLDQIQ
ALRWLSENIAHFGGDPERITIFGSGAGASCVNLLILSHHSEGLFQKAIAQSGTAISSWSVNYQPLKYTRLLAAKVGCDRE
DSAEAVECLRRKPSRELVDQDVQPARYHIAFGPVVDGDVVPDDPEILMQQGEFLNYDMLIGVNQGEGLKFVEDSAESEDG
VSASAFDFTVSNFVDNLYGYPEGKDVLRETIKFMYTDWADRDNGEMRRKTLLALFTDHQWVAPAVATAKLHADYQSPVYF
YTFYHHCQAEGRPEWADAAHGDELPYVFGVPMVGATDLFPCNFSKNDVMLSAVVMTYWTNFAKTGDPNQPVPQDTKFIHT
KPNRFEEVVWSKFNSKEKQYLHIGLKPRVRDNYRANKVAFWLELVPHLHNLHTELFTTTTRLPPYATRWPPRPPAGAPGT
RRPPPPATLPPEPEPEPGPRAYDRFPGDSRDYSTELSVTVAVGASLLFLNILAFAALYYKRDRRQELRCRRLSPPGGSGS
GVPGGGPLLPAAGRELPPEEELVSLQLKRGGGVGADPAEALRPACPPDYTLALRRAPDDVPLLAPGALTLLPSGLGPPPP
PPPPSLHPFGPFPPPPPTATSHNNTLPHPHSTTRV
;
_entity_poly.pdbx_strand_id   A,B
#
# COMPACT_ATOMS: atom_id res chain seq x y z
N PRO A 42 17.49 -39.88 47.02
CA PRO A 42 16.85 -38.61 46.68
C PRO A 42 15.58 -38.36 47.48
N VAL A 43 15.72 -38.01 48.76
CA VAL A 43 14.60 -37.75 49.65
C VAL A 43 14.79 -36.37 50.26
N VAL A 44 13.74 -35.55 50.20
CA VAL A 44 13.75 -34.21 50.77
C VAL A 44 12.52 -34.04 51.64
N ASN A 45 12.48 -32.93 52.38
CA ASN A 45 11.37 -32.61 53.25
C ASN A 45 10.94 -31.16 53.05
N THR A 46 9.62 -30.94 53.12
CA THR A 46 9.04 -29.62 53.02
C THR A 46 8.14 -29.38 54.23
N ALA A 47 7.65 -28.15 54.36
CA ALA A 47 6.80 -27.82 55.50
C ALA A 47 5.55 -28.68 55.56
N TYR A 48 5.16 -29.30 54.45
CA TYR A 48 3.97 -30.15 54.42
C TYR A 48 4.27 -31.60 54.79
N GLY A 49 5.54 -32.00 54.83
CA GLY A 49 5.88 -33.38 55.10
C GLY A 49 7.23 -33.79 54.52
N ARG A 50 7.34 -35.04 54.09
CA ARG A 50 8.58 -35.54 53.51
C ARG A 50 8.25 -36.33 52.24
N VAL A 51 9.00 -36.05 51.17
CA VAL A 51 8.74 -36.64 49.87
C VAL A 51 10.04 -37.23 49.32
N ARG A 52 9.92 -38.31 48.56
CA ARG A 52 11.04 -38.97 47.91
C ARG A 52 11.23 -38.40 46.50
N GLY A 53 12.10 -39.03 45.72
CA GLY A 53 12.32 -38.62 44.35
C GLY A 53 12.94 -39.72 43.51
N VAL A 54 13.52 -39.36 42.36
CA VAL A 54 14.22 -40.32 41.52
C VAL A 54 15.29 -39.55 40.77
N ARG A 55 16.25 -40.27 40.19
CA ARG A 55 17.21 -39.64 39.30
C ARG A 55 17.41 -40.53 38.08
N ARG A 56 17.70 -39.91 36.95
CA ARG A 56 17.82 -40.62 35.68
C ARG A 56 19.09 -40.21 34.97
N GLU A 57 19.49 -41.03 34.00
CA GLU A 57 20.63 -40.76 33.14
C GLU A 57 20.13 -40.33 31.77
N LEU A 58 20.67 -39.22 31.26
CA LEU A 58 20.17 -38.66 30.02
C LEU A 58 20.78 -39.36 28.81
N ASN A 59 20.07 -39.26 27.69
CA ASN A 59 20.45 -40.00 26.49
C ASN A 59 21.74 -39.46 25.89
N ASN A 60 21.85 -38.15 25.75
CA ASN A 60 23.01 -37.56 25.11
C ASN A 60 24.24 -37.65 26.02
N GLU A 61 25.41 -37.63 25.39
CA GLU A 61 26.67 -37.70 26.12
C GLU A 61 27.02 -36.39 26.82
N ILE A 62 26.44 -35.26 26.39
CA ILE A 62 26.80 -33.97 26.95
C ILE A 62 26.32 -33.85 28.39
N LEU A 63 25.09 -34.26 28.66
CA LEU A 63 24.42 -33.91 29.90
C LEU A 63 24.53 -35.02 30.94
N GLY A 64 24.32 -34.64 32.21
CA GLY A 64 24.59 -35.50 33.32
C GLY A 64 23.43 -35.77 34.28
N PRO A 65 23.61 -35.34 35.54
CA PRO A 65 22.75 -35.83 36.63
C PRO A 65 21.41 -35.13 36.77
N VAL A 66 20.38 -35.62 36.07
CA VAL A 66 19.04 -35.06 36.19
C VAL A 66 18.28 -35.81 37.29
N VAL A 67 17.68 -35.05 38.21
CA VAL A 67 16.82 -35.56 39.25
C VAL A 67 15.39 -35.15 38.92
N GLN A 68 14.42 -35.95 39.38
CA GLN A 68 13.02 -35.73 39.03
C GLN A 68 12.15 -36.04 40.25
N PHE A 69 11.02 -35.34 40.33
CA PHE A 69 10.09 -35.41 41.45
C PHE A 69 8.65 -35.45 40.95
N LEU A 70 8.39 -36.30 39.96
CA LEU A 70 7.09 -36.35 39.30
C LEU A 70 5.95 -36.57 40.29
N GLY A 71 5.04 -35.60 40.36
CA GLY A 71 3.75 -35.81 40.99
C GLY A 71 3.51 -35.15 42.32
N VAL A 72 4.42 -34.30 42.81
CA VAL A 72 4.26 -33.70 44.13
C VAL A 72 3.02 -32.82 44.14
N PRO A 73 2.30 -32.70 45.25
CA PRO A 73 1.07 -31.92 45.27
C PRO A 73 1.34 -30.45 45.59
N TYR A 74 0.30 -29.64 45.39
CA TYR A 74 0.34 -28.24 45.80
C TYR A 74 -0.94 -27.74 46.46
N ALA A 75 -2.05 -28.47 46.40
CA ALA A 75 -3.30 -27.99 46.98
C ALA A 75 -4.24 -29.17 47.19
N THR A 76 -5.28 -28.91 47.97
CA THR A 76 -6.29 -29.93 48.24
C THR A 76 -7.09 -30.20 46.97
N PRO A 77 -7.19 -31.44 46.52
CA PRO A 77 -7.96 -31.75 45.32
C PRO A 77 -9.45 -31.54 45.55
N PRO A 78 -10.14 -30.89 44.61
CA PRO A 78 -11.60 -30.87 44.67
C PRO A 78 -12.16 -32.28 44.54
N LEU A 79 -13.30 -32.51 45.18
CA LEU A 79 -13.83 -33.86 45.29
C LEU A 79 -15.27 -33.97 44.81
N GLY A 80 -16.03 -32.88 44.91
CA GLY A 80 -17.43 -32.91 44.56
C GLY A 80 -18.27 -32.03 45.46
N ALA A 81 -17.79 -31.80 46.68
CA ALA A 81 -18.42 -30.80 47.55
C ALA A 81 -17.97 -29.40 47.15
N ARG A 82 -16.67 -29.14 47.24
CA ARG A 82 -16.09 -27.87 46.79
C ARG A 82 -15.58 -27.95 45.35
N ARG A 83 -16.39 -28.50 44.45
CA ARG A 83 -16.20 -28.29 43.03
C ARG A 83 -16.88 -26.99 42.64
N PHE A 84 -16.42 -26.40 41.53
CA PHE A 84 -16.88 -25.10 41.09
C PHE A 84 -16.57 -24.06 42.17
N GLN A 85 -15.41 -24.21 42.81
CA GLN A 85 -15.09 -23.50 44.04
C GLN A 85 -13.59 -23.27 44.08
N PRO A 86 -13.12 -22.26 44.81
CA PRO A 86 -11.69 -21.97 44.85
C PRO A 86 -10.95 -23.01 45.67
N PRO A 87 -9.62 -23.06 45.58
CA PRO A 87 -8.87 -24.13 46.23
C PRO A 87 -8.45 -23.75 47.64
N GLU A 88 -7.81 -24.71 48.30
CA GLU A 88 -7.28 -24.52 49.66
C GLU A 88 -6.03 -25.37 49.80
N ALA A 89 -5.29 -25.09 50.88
CA ALA A 89 -4.04 -25.79 51.12
C ALA A 89 -4.29 -27.28 51.38
N PRO A 90 -3.27 -28.13 51.15
CA PRO A 90 -3.44 -29.56 51.42
C PRO A 90 -3.22 -29.92 52.88
N ALA A 91 -3.29 -31.22 53.18
CA ALA A 91 -3.04 -31.71 54.53
C ALA A 91 -1.54 -31.94 54.73
N SER A 92 -1.18 -32.63 55.81
CA SER A 92 0.19 -32.98 56.10
C SER A 92 0.27 -34.46 56.46
N TRP A 93 1.41 -35.06 56.15
CA TRP A 93 1.57 -36.50 56.29
C TRP A 93 2.84 -36.82 57.06
N PRO A 94 2.82 -37.90 57.84
CA PRO A 94 4.05 -38.39 58.47
C PRO A 94 4.72 -39.48 57.66
N GLY A 95 6.04 -39.50 57.73
CA GLY A 95 6.83 -40.54 57.09
C GLY A 95 7.42 -40.06 55.76
N VAL A 96 7.18 -40.83 54.70
CA VAL A 96 7.72 -40.53 53.37
C VAL A 96 6.64 -40.81 52.35
N ARG A 97 6.49 -39.90 51.37
CA ARG A 97 5.49 -40.03 50.32
C ARG A 97 6.17 -40.52 49.05
N ASN A 98 5.75 -41.69 48.57
CA ASN A 98 6.27 -42.25 47.33
C ASN A 98 5.60 -41.53 46.17
N ALA A 99 6.30 -40.52 45.62
CA ALA A 99 5.79 -39.74 44.49
C ALA A 99 6.82 -39.74 43.37
N THR A 100 6.79 -40.78 42.53
CA THR A 100 7.48 -40.72 41.24
C THR A 100 6.70 -41.61 40.26
N THR A 101 5.74 -41.00 39.58
CA THR A 101 5.01 -41.55 38.45
C THR A 101 4.49 -40.36 37.65
N LEU A 102 4.01 -40.61 36.45
CA LEU A 102 3.24 -39.60 35.76
C LEU A 102 1.89 -39.49 36.46
N PRO A 103 1.55 -38.33 37.04
CA PRO A 103 0.28 -38.21 37.74
C PRO A 103 -0.88 -38.19 36.76
N PRO A 104 -2.08 -38.54 37.19
CA PRO A 104 -3.23 -38.46 36.30
C PRO A 104 -3.50 -37.03 35.88
N ALA A 105 -3.90 -36.85 34.63
CA ALA A 105 -4.26 -35.54 34.10
C ALA A 105 -5.77 -35.43 34.06
N CYS A 106 -6.30 -34.39 34.68
CA CYS A 106 -7.74 -34.29 34.88
C CYS A 106 -8.48 -34.16 33.55
N PRO A 107 -9.76 -34.56 33.51
CA PRO A 107 -10.32 -35.17 32.29
C PRO A 107 -10.27 -34.26 31.07
N GLN A 108 -9.96 -34.87 29.94
CA GLN A 108 -9.95 -34.23 28.64
C GLN A 108 -10.63 -35.17 27.65
N ASN A 109 -10.68 -34.76 26.39
CA ASN A 109 -11.23 -35.62 25.34
C ASN A 109 -10.61 -35.20 24.01
N LEU A 110 -9.61 -35.97 23.57
CA LEU A 110 -8.89 -35.63 22.35
C LEU A 110 -9.65 -36.00 21.08
N HIS A 111 -10.77 -36.72 21.19
CA HIS A 111 -11.68 -36.96 20.07
C HIS A 111 -12.97 -36.24 20.39
N GLY A 112 -13.01 -34.94 20.10
CA GLY A 112 -14.16 -34.12 20.44
C GLY A 112 -14.47 -33.04 19.43
N ALA A 113 -13.97 -33.20 18.20
CA ALA A 113 -14.12 -32.19 17.14
C ALA A 113 -13.59 -30.83 17.60
N LEU A 114 -12.37 -30.85 18.13
CA LEU A 114 -11.77 -29.66 18.70
C LEU A 114 -11.42 -28.66 17.60
N PRO A 115 -11.28 -27.38 17.94
CA PRO A 115 -10.86 -26.39 16.95
C PRO A 115 -9.49 -26.72 16.39
N ALA A 116 -9.33 -26.50 15.09
CA ALA A 116 -8.09 -26.85 14.38
C ALA A 116 -7.22 -25.64 14.08
N ILE A 117 -7.60 -24.45 14.54
CA ILE A 117 -6.80 -23.24 14.32
C ILE A 117 -5.91 -22.94 15.51
N MET A 118 -6.48 -22.99 16.72
CA MET A 118 -5.72 -22.63 17.91
C MET A 118 -4.62 -23.64 18.21
N LEU A 119 -4.91 -24.93 18.04
CA LEU A 119 -3.96 -25.97 18.37
C LEU A 119 -2.77 -25.94 17.43
N PRO A 120 -1.60 -26.38 17.90
CA PRO A 120 -0.42 -26.42 17.02
C PRO A 120 -0.53 -27.48 15.94
N VAL A 121 0.52 -27.63 15.13
CA VAL A 121 0.47 -28.58 14.04
C VAL A 121 0.77 -29.99 14.53
N TRP A 122 1.93 -30.17 15.16
CA TRP A 122 2.33 -31.52 15.59
C TRP A 122 1.34 -32.14 16.56
N PHE A 123 0.55 -31.31 17.24
CA PHE A 123 -0.51 -31.83 18.09
C PHE A 123 -1.69 -32.32 17.25
N THR A 124 -1.94 -31.69 16.11
CA THR A 124 -3.09 -32.08 15.29
C THR A 124 -2.77 -33.29 14.41
N ASP A 125 -1.66 -33.23 13.67
CA ASP A 125 -1.35 -34.30 12.73
C ASP A 125 -1.13 -35.63 13.45
N ASN A 126 -0.13 -35.68 14.34
CA ASN A 126 0.16 -36.92 15.05
C ASN A 126 -0.76 -37.05 16.26
N LEU A 127 -2.06 -36.92 16.05
CA LEU A 127 -3.00 -36.98 17.16
C LEU A 127 -3.03 -38.37 17.79
N GLU A 128 -2.75 -39.41 17.00
CA GLU A 128 -2.75 -40.77 17.54
C GLU A 128 -1.64 -40.98 18.55
N ALA A 129 -0.51 -40.31 18.38
CA ALA A 129 0.56 -40.41 19.38
C ALA A 129 0.24 -39.64 20.63
N ALA A 130 -0.34 -38.45 20.49
CA ALA A 130 -0.68 -37.63 21.65
C ALA A 130 -1.81 -38.25 22.45
N ALA A 131 -2.72 -38.97 21.79
CA ALA A 131 -3.86 -39.55 22.48
C ALA A 131 -3.47 -40.69 23.40
N THR A 132 -2.33 -41.34 23.15
CA THR A 132 -1.85 -42.44 23.98
C THR A 132 -1.01 -41.95 25.15
N TYR A 133 -1.16 -40.70 25.56
CA TYR A 133 -0.25 -40.09 26.51
C TYR A 133 -0.95 -39.60 27.77
N VAL A 134 -2.27 -39.39 27.71
CA VAL A 134 -3.05 -38.87 28.82
C VAL A 134 -4.12 -39.87 29.22
N GLN A 135 -3.79 -41.16 29.10
CA GLN A 135 -4.79 -42.23 29.17
C GLN A 135 -5.56 -42.20 30.50
N ASN A 136 -4.85 -42.05 31.61
CA ASN A 136 -5.46 -42.12 32.93
C ASN A 136 -5.87 -40.71 33.38
N GLN A 137 -7.18 -40.50 33.49
CA GLN A 137 -7.72 -39.20 33.86
C GLN A 137 -8.66 -39.33 35.05
N SER A 138 -8.63 -38.34 35.91
CA SER A 138 -9.47 -38.32 37.10
C SER A 138 -9.61 -36.89 37.59
N GLU A 139 -10.74 -36.60 38.22
CA GLU A 139 -11.05 -35.29 38.79
C GLU A 139 -9.85 -34.75 39.59
N ASP A 140 -9.17 -35.63 40.31
CA ASP A 140 -7.97 -35.26 41.04
C ASP A 140 -6.82 -35.07 40.07
N CYS A 141 -6.40 -33.82 39.86
CA CYS A 141 -5.24 -33.54 39.03
C CYS A 141 -4.34 -32.44 39.59
N LEU A 142 -4.59 -31.94 40.79
CA LEU A 142 -3.85 -30.80 41.33
C LEU A 142 -2.48 -31.21 41.85
N TYR A 143 -1.60 -31.65 40.95
CA TYR A 143 -0.21 -31.93 41.29
C TYR A 143 0.69 -31.15 40.34
N LEU A 144 1.99 -31.29 40.52
CA LEU A 144 2.93 -30.59 39.65
C LEU A 144 4.25 -31.35 39.65
N ASN A 145 4.84 -31.48 38.47
CA ASN A 145 6.15 -32.10 38.35
C ASN A 145 7.24 -31.10 38.75
N LEU A 146 8.45 -31.60 38.87
CA LEU A 146 9.63 -30.77 39.08
C LEU A 146 10.82 -31.46 38.43
N TYR A 147 11.91 -30.71 38.30
CA TYR A 147 13.18 -31.25 37.82
C TYR A 147 14.30 -30.46 38.47
N VAL A 148 14.94 -31.05 39.46
CA VAL A 148 16.08 -30.45 40.14
C VAL A 148 17.35 -30.94 39.46
N PRO A 149 18.21 -30.04 38.95
CA PRO A 149 19.49 -30.44 38.37
C PRO A 149 20.59 -30.60 39.42
N GLY A 175 21.38 -23.36 45.10
CA GLY A 175 20.87 -22.90 46.38
C GLY A 175 19.60 -22.08 46.26
N LYS A 176 19.63 -21.11 45.35
CA LYS A 176 18.50 -20.23 45.06
C LYS A 176 18.26 -20.16 43.57
N LYS A 177 18.16 -21.32 42.94
CA LYS A 177 18.10 -21.39 41.49
C LYS A 177 16.76 -20.87 40.97
N PRO A 178 16.72 -20.34 39.76
CA PRO A 178 15.46 -19.81 39.22
C PRO A 178 14.46 -20.90 38.89
N VAL A 179 13.19 -20.53 38.96
CA VAL A 179 12.07 -21.42 38.64
C VAL A 179 11.48 -20.99 37.30
N MET A 180 10.98 -21.97 36.54
CA MET A 180 10.52 -21.73 35.17
C MET A 180 9.15 -22.38 34.94
N LEU A 181 8.21 -22.08 35.84
CA LEU A 181 6.85 -22.61 35.75
C LEU A 181 6.30 -22.49 34.33
N PHE A 182 5.94 -23.63 33.76
CA PHE A 182 5.47 -23.72 32.37
C PHE A 182 3.98 -23.99 32.36
N LEU A 183 3.21 -23.00 31.91
CA LEU A 183 1.76 -23.11 31.79
C LEU A 183 1.45 -23.63 30.39
N HIS A 184 1.15 -24.92 30.28
CA HIS A 184 1.08 -25.55 28.96
C HIS A 184 -0.05 -24.97 28.13
N GLY A 185 0.15 -24.99 26.82
CA GLY A 185 -0.71 -24.28 25.89
C GLY A 185 -2.01 -24.98 25.56
N GLY A 186 -2.38 -24.95 24.28
CA GLY A 186 -3.64 -25.49 23.85
C GLY A 186 -4.70 -24.42 23.70
N SER A 187 -5.95 -24.87 23.67
CA SER A 187 -7.10 -24.00 23.52
C SER A 187 -7.94 -23.91 24.78
N TYR A 188 -7.35 -24.26 25.93
CA TYR A 188 -7.98 -24.35 27.25
C TYR A 188 -8.86 -25.58 27.38
N MET A 189 -8.81 -26.50 26.41
CA MET A 189 -9.57 -27.74 26.44
C MET A 189 -8.73 -28.96 26.78
N GLU A 190 -7.50 -29.04 26.32
CA GLU A 190 -6.67 -30.21 26.61
C GLU A 190 -5.21 -29.79 26.68
N GLY A 191 -4.35 -30.77 26.91
CA GLY A 191 -2.95 -30.56 27.18
C GLY A 191 -2.58 -31.11 28.55
N THR A 192 -1.29 -31.06 28.84
CA THR A 192 -0.74 -31.53 30.11
C THR A 192 0.75 -31.24 30.13
N GLY A 193 1.32 -31.25 31.33
CA GLY A 193 2.75 -31.15 31.44
C GLY A 193 3.49 -32.46 31.27
N ASN A 194 2.75 -33.57 31.16
CA ASN A 194 3.39 -34.87 31.01
C ASN A 194 4.08 -35.00 29.67
N MET A 195 3.52 -34.41 28.62
CA MET A 195 4.07 -34.51 27.27
C MET A 195 5.16 -33.49 27.00
N PHE A 196 5.43 -32.61 27.95
CA PHE A 196 6.46 -31.60 27.78
C PHE A 196 7.57 -31.83 28.79
N ASP A 197 7.97 -33.09 28.93
CA ASP A 197 8.96 -33.49 29.94
C ASP A 197 10.31 -32.91 29.56
N GLY A 198 10.61 -31.74 30.11
CA GLY A 198 11.87 -31.11 29.81
C GLY A 198 12.89 -31.36 30.90
N SER A 199 13.75 -32.36 30.68
CA SER A 199 14.92 -32.58 31.52
C SER A 199 16.19 -32.09 30.87
N VAL A 200 16.26 -32.16 29.54
CA VAL A 200 17.37 -31.56 28.80
C VAL A 200 17.42 -30.06 29.07
N LEU A 201 16.27 -29.40 28.97
CA LEU A 201 16.19 -27.98 29.34
C LEU A 201 16.50 -27.78 30.81
N ALA A 202 16.22 -28.78 31.64
CA ALA A 202 16.49 -28.64 33.07
C ALA A 202 17.98 -28.67 33.37
N ALA A 203 18.73 -29.48 32.63
CA ALA A 203 20.15 -29.68 32.94
C ALA A 203 21.09 -28.84 32.10
N TYR A 204 20.69 -28.44 30.89
CA TYR A 204 21.56 -27.62 30.05
C TYR A 204 21.82 -26.27 30.72
N GLY A 205 20.77 -25.48 30.88
CA GLY A 205 20.93 -24.18 31.47
C GLY A 205 21.01 -24.17 32.97
N ASN A 206 20.89 -25.34 33.59
CA ASN A 206 20.98 -25.49 35.05
C ASN A 206 19.90 -24.65 35.74
N VAL A 207 18.64 -24.98 35.43
CA VAL A 207 17.47 -24.33 36.00
C VAL A 207 16.48 -25.41 36.43
N ILE A 208 15.42 -24.96 37.11
CA ILE A 208 14.38 -25.84 37.65
C ILE A 208 13.12 -25.63 36.84
N VAL A 209 12.57 -26.73 36.32
CA VAL A 209 11.32 -26.70 35.56
C VAL A 209 10.19 -27.16 36.47
N ALA A 210 8.96 -26.81 36.09
CA ALA A 210 7.78 -27.22 36.84
C ALA A 210 6.59 -27.19 35.89
N THR A 211 6.09 -28.36 35.52
CA THR A 211 4.97 -28.48 34.58
C THR A 211 3.75 -28.98 35.34
N LEU A 212 2.96 -28.05 35.86
CA LEU A 212 1.85 -28.39 36.73
C LEU A 212 0.65 -28.88 35.92
N ASN A 213 -0.46 -29.10 36.61
CA ASN A 213 -1.76 -29.35 36.02
C ASN A 213 -2.78 -28.49 36.74
N TYR A 214 -3.79 -28.03 36.00
CA TYR A 214 -4.79 -27.16 36.58
C TYR A 214 -6.13 -27.46 35.96
N ARG A 215 -7.18 -26.93 36.59
CA ARG A 215 -8.54 -27.18 36.12
C ARG A 215 -8.72 -26.60 34.74
N LEU A 216 -8.78 -27.46 33.73
CA LEU A 216 -8.90 -27.03 32.34
C LEU A 216 -10.05 -27.78 31.68
N GLY A 217 -10.77 -27.09 30.80
CA GLY A 217 -11.88 -27.71 30.11
C GLY A 217 -13.21 -27.12 30.55
N VAL A 218 -14.19 -27.99 30.80
CA VAL A 218 -15.49 -27.52 31.25
C VAL A 218 -15.40 -27.02 32.69
N LEU A 219 -15.04 -27.90 33.62
CA LEU A 219 -14.99 -27.52 35.02
C LEU A 219 -13.68 -26.81 35.37
N GLY A 220 -13.27 -25.86 34.55
CA GLY A 220 -11.99 -25.23 34.79
C GLY A 220 -11.96 -23.73 35.04
N PHE A 221 -12.86 -22.98 34.40
CA PHE A 221 -12.76 -21.52 34.38
C PHE A 221 -14.13 -20.90 34.56
N LEU A 222 -14.89 -21.37 35.53
CA LEU A 222 -16.32 -21.10 35.58
C LEU A 222 -16.64 -19.66 35.95
N SER A 223 -17.74 -19.18 35.38
CA SER A 223 -18.39 -17.91 35.70
C SER A 223 -19.72 -17.90 34.96
N THR A 224 -20.72 -17.22 35.50
CA THR A 224 -22.05 -17.24 34.90
C THR A 224 -22.70 -15.86 34.79
N GLY A 225 -22.27 -14.89 35.60
CA GLY A 225 -22.96 -13.63 35.73
C GLY A 225 -23.68 -13.46 37.05
N ASP A 226 -24.03 -14.58 37.70
CA ASP A 226 -24.58 -14.56 39.04
C ASP A 226 -23.45 -14.74 40.05
N GLN A 227 -23.81 -14.95 41.32
CA GLN A 227 -22.83 -15.21 42.37
C GLN A 227 -22.48 -16.69 42.50
N ALA A 228 -23.24 -17.58 41.85
CA ALA A 228 -22.98 -19.01 41.97
C ALA A 228 -21.69 -19.45 41.31
N ALA A 229 -21.06 -18.59 40.50
CA ALA A 229 -19.80 -18.92 39.83
C ALA A 229 -18.97 -17.64 39.78
N LYS A 230 -18.11 -17.46 40.76
CA LYS A 230 -17.31 -16.25 40.92
C LYS A 230 -15.97 -16.44 40.19
N GLY A 231 -14.98 -15.60 40.50
CA GLY A 231 -13.72 -15.50 39.78
C GLY A 231 -13.11 -16.80 39.30
N ASN A 232 -12.51 -16.76 38.12
CA ASN A 232 -12.12 -17.93 37.35
C ASN A 232 -11.17 -18.83 38.12
N TYR A 233 -11.64 -20.02 38.47
CA TYR A 233 -10.94 -20.87 39.43
C TYR A 233 -9.64 -21.42 38.87
N GLY A 234 -9.47 -21.39 37.55
CA GLY A 234 -8.23 -21.88 36.96
C GLY A 234 -7.05 -20.95 37.21
N LEU A 235 -7.26 -19.65 37.01
CA LEU A 235 -6.17 -18.70 37.17
C LEU A 235 -5.70 -18.65 38.61
N LEU A 236 -6.61 -18.45 39.55
CA LEU A 236 -6.26 -18.52 40.96
C LEU A 236 -5.92 -19.94 41.42
N ASP A 237 -6.33 -20.96 40.66
CA ASP A 237 -5.86 -22.32 40.90
C ASP A 237 -4.36 -22.41 40.69
N GLN A 238 -3.86 -21.93 39.55
CA GLN A 238 -2.43 -21.90 39.30
C GLN A 238 -1.73 -20.77 40.04
N ILE A 239 -2.49 -19.86 40.66
CA ILE A 239 -1.91 -18.95 41.64
C ILE A 239 -1.67 -19.64 42.99
N GLN A 240 -2.54 -20.58 43.37
CA GLN A 240 -2.25 -21.40 44.54
C GLN A 240 -0.90 -22.09 44.42
N ALA A 241 -0.61 -22.64 43.24
CA ALA A 241 0.70 -23.20 42.98
C ALA A 241 1.79 -22.14 42.91
N LEU A 242 1.49 -20.94 42.40
CA LEU A 242 2.47 -19.86 42.44
C LEU A 242 2.86 -19.51 43.86
N ARG A 243 1.92 -19.58 44.80
CA ARG A 243 2.21 -19.41 46.22
C ARG A 243 2.99 -20.57 46.80
N TRP A 244 2.53 -21.80 46.56
CA TRP A 244 3.25 -22.98 47.05
C TRP A 244 4.71 -22.94 46.64
N LEU A 245 4.98 -22.72 45.35
CA LEU A 245 6.35 -22.58 44.90
C LEU A 245 7.03 -21.36 45.51
N SER A 246 6.28 -20.41 46.04
CA SER A 246 6.86 -19.20 46.61
C SER A 246 7.12 -19.32 48.10
N GLU A 247 6.55 -20.31 48.78
CA GLU A 247 6.68 -20.46 50.22
C GLU A 247 7.10 -21.86 50.64
N ASN A 248 7.52 -22.71 49.70
CA ASN A 248 8.03 -24.03 50.04
C ASN A 248 9.26 -24.43 49.24
N ILE A 249 9.82 -23.54 48.41
CA ILE A 249 10.85 -23.93 47.45
C ILE A 249 12.25 -23.86 48.04
N ALA A 250 12.43 -23.21 49.19
CA ALA A 250 13.75 -23.14 49.80
C ALA A 250 14.32 -24.51 50.09
N HIS A 251 13.45 -25.44 50.50
CA HIS A 251 13.89 -26.81 50.75
C HIS A 251 14.37 -27.49 49.48
N PHE A 252 13.83 -27.09 48.32
CA PHE A 252 14.20 -27.69 47.05
C PHE A 252 15.38 -27.00 46.38
N GLY A 253 15.85 -25.89 46.92
CA GLY A 253 16.96 -25.17 46.35
C GLY A 253 16.59 -24.06 45.39
N GLY A 254 15.33 -23.67 45.34
CA GLY A 254 14.90 -22.60 44.45
C GLY A 254 14.90 -21.24 45.14
N ASP A 255 14.68 -20.21 44.34
CA ASP A 255 14.58 -18.84 44.84
C ASP A 255 13.13 -18.39 44.73
N PRO A 256 12.44 -18.14 45.85
CA PRO A 256 11.05 -17.65 45.77
C PRO A 256 10.91 -16.26 45.18
N GLU A 257 12.02 -15.58 44.87
CA GLU A 257 12.00 -14.23 44.33
C GLU A 257 12.40 -14.19 42.86
N ARG A 258 12.41 -15.33 42.17
CA ARG A 258 12.82 -15.36 40.76
C ARG A 258 11.90 -16.24 39.93
N ILE A 259 10.62 -16.32 40.30
CA ILE A 259 9.69 -17.12 39.51
C ILE A 259 9.40 -16.39 38.20
N THR A 260 9.54 -17.11 37.09
CA THR A 260 9.41 -16.57 35.74
C THR A 260 8.44 -17.45 34.96
N ILE A 261 7.15 -17.13 35.04
CA ILE A 261 6.15 -17.89 34.30
C ILE A 261 6.44 -17.76 32.81
N PHE A 262 6.30 -18.87 32.10
CA PHE A 262 6.43 -18.85 30.64
C PHE A 262 5.52 -19.91 30.05
N GLY A 263 5.14 -19.72 28.79
CA GLY A 263 4.22 -20.62 28.13
C GLY A 263 4.08 -20.26 26.67
N SER A 264 3.26 -21.03 25.98
CA SER A 264 3.04 -20.84 24.54
C SER A 264 1.57 -20.99 24.22
N GLY A 265 1.25 -20.84 22.93
CA GLY A 265 -0.11 -20.98 22.47
C GLY A 265 -1.05 -20.03 23.17
N ALA A 266 -2.22 -20.54 23.53
CA ALA A 266 -3.17 -19.78 24.34
C ALA A 266 -2.96 -20.03 25.83
N GLY A 267 -1.89 -20.75 26.18
CA GLY A 267 -1.43 -20.74 27.56
C GLY A 267 -0.57 -19.56 27.89
N ALA A 268 -0.05 -18.86 26.87
CA ALA A 268 0.63 -17.59 27.05
C ALA A 268 -0.34 -16.42 27.09
N SER A 269 -1.58 -16.63 26.66
CA SER A 269 -2.60 -15.61 26.87
C SER A 269 -2.84 -15.38 28.35
N CYS A 270 -2.85 -16.46 29.13
CA CYS A 270 -2.93 -16.35 30.59
C CYS A 270 -1.55 -16.33 31.23
N VAL A 271 -0.68 -15.49 30.69
CA VAL A 271 0.59 -15.14 31.33
C VAL A 271 0.63 -13.62 31.42
N ASN A 272 -0.03 -12.96 30.47
CA ASN A 272 -0.29 -11.53 30.61
C ASN A 272 -1.38 -11.30 31.65
N LEU A 273 -2.42 -12.13 31.64
CA LEU A 273 -3.57 -11.92 32.51
C LEU A 273 -3.17 -11.91 33.98
N LEU A 274 -2.10 -12.60 34.33
CA LEU A 274 -1.66 -12.63 35.72
C LEU A 274 -0.94 -11.37 36.15
N ILE A 275 -0.32 -10.65 35.21
CA ILE A 275 0.40 -9.43 35.56
C ILE A 275 -0.57 -8.32 35.94
N LEU A 276 -1.63 -8.15 35.15
CA LEU A 276 -2.58 -7.06 35.37
C LEU A 276 -3.44 -7.25 36.61
N SER A 277 -3.41 -8.43 37.23
CA SER A 277 -4.24 -8.70 38.40
C SER A 277 -3.49 -8.23 39.66
N HIS A 278 -4.02 -8.59 40.82
CA HIS A 278 -3.46 -8.17 42.11
C HIS A 278 -2.83 -9.30 42.90
N HIS A 279 -3.41 -10.50 42.88
CA HIS A 279 -2.95 -11.60 43.72
C HIS A 279 -1.57 -12.09 43.32
N SER A 280 -1.00 -11.50 42.28
CA SER A 280 0.28 -11.92 41.74
C SER A 280 1.46 -11.15 42.31
N GLU A 281 1.22 -10.27 43.30
CA GLU A 281 2.20 -9.29 43.75
C GLU A 281 3.52 -9.91 44.21
N GLY A 282 3.49 -10.67 45.30
CA GLY A 282 4.71 -11.20 45.87
C GLY A 282 5.16 -12.53 45.31
N LEU A 283 4.56 -13.01 44.22
CA LEU A 283 4.79 -14.37 43.75
C LEU A 283 5.89 -14.46 42.71
N PHE A 284 5.72 -13.80 41.57
CA PHE A 284 6.67 -13.93 40.46
C PHE A 284 7.16 -12.56 40.05
N GLN A 285 8.13 -12.54 39.13
CA GLN A 285 8.76 -11.28 38.76
C GLN A 285 8.90 -11.05 37.26
N LYS A 286 8.73 -12.05 36.40
CA LYS A 286 8.99 -11.89 34.98
C LYS A 286 7.89 -12.60 34.20
N ALA A 287 8.09 -12.71 32.89
CA ALA A 287 7.11 -13.34 32.03
C ALA A 287 7.76 -13.67 30.69
N ILE A 288 7.10 -14.54 29.94
CA ILE A 288 7.46 -14.88 28.57
C ILE A 288 6.18 -15.21 27.82
N ALA A 289 5.98 -14.56 26.68
CA ALA A 289 4.74 -14.69 25.92
C ALA A 289 5.08 -15.19 24.52
N GLN A 290 5.08 -16.50 24.34
CA GLN A 290 5.26 -17.08 23.02
C GLN A 290 3.92 -17.17 22.32
N SER A 291 3.77 -16.42 21.22
CA SER A 291 2.71 -16.56 20.24
C SER A 291 1.33 -16.13 20.74
N GLY A 292 1.21 -15.64 21.98
CA GLY A 292 -0.09 -15.30 22.53
C GLY A 292 -0.12 -13.86 23.02
N THR A 293 -1.33 -13.42 23.34
CA THR A 293 -1.54 -12.07 23.86
C THR A 293 -2.90 -12.03 24.53
N ALA A 294 -3.06 -11.12 25.50
CA ALA A 294 -4.29 -10.99 26.24
C ALA A 294 -5.37 -10.22 25.49
N ILE A 295 -5.06 -9.63 24.34
CA ILE A 295 -5.99 -8.74 23.67
C ILE A 295 -6.33 -9.22 22.25
N SER A 296 -6.33 -10.52 22.04
CA SER A 296 -6.68 -11.09 20.75
C SER A 296 -8.14 -11.52 20.75
N SER A 297 -8.57 -12.15 19.66
CA SER A 297 -9.98 -12.50 19.48
C SER A 297 -10.37 -13.82 20.12
N TRP A 298 -9.41 -14.55 20.70
CA TRP A 298 -9.73 -15.77 21.44
C TRP A 298 -9.00 -15.84 22.77
N SER A 299 -8.80 -14.71 23.44
CA SER A 299 -8.04 -14.71 24.68
C SER A 299 -8.91 -14.66 25.93
N VAL A 300 -10.13 -14.13 25.82
CA VAL A 300 -11.04 -13.95 26.95
C VAL A 300 -12.45 -14.28 26.48
N ASN A 301 -13.27 -14.78 27.39
CA ASN A 301 -14.66 -15.13 27.09
C ASN A 301 -15.59 -13.96 27.43
N TYR A 302 -16.51 -13.67 26.52
CA TYR A 302 -17.40 -12.53 26.64
C TYR A 302 -18.87 -12.91 26.50
N GLN A 303 -19.19 -14.19 26.60
CA GLN A 303 -20.58 -14.65 26.60
C GLN A 303 -20.74 -15.87 27.50
N PRO A 304 -20.34 -15.79 28.77
CA PRO A 304 -20.40 -17.00 29.61
C PRO A 304 -21.79 -17.58 29.74
N LEU A 305 -22.82 -16.72 29.83
CA LEU A 305 -24.15 -17.18 30.17
C LEU A 305 -24.81 -17.95 29.02
N LYS A 306 -24.61 -17.50 27.78
CA LYS A 306 -25.29 -18.13 26.65
C LYS A 306 -24.83 -19.57 26.46
N TYR A 307 -23.55 -19.84 26.71
CA TYR A 307 -23.02 -21.20 26.55
C TYR A 307 -23.15 -22.03 27.82
N THR A 308 -23.00 -21.42 29.00
CA THR A 308 -23.14 -22.19 30.24
C THR A 308 -24.55 -22.75 30.39
N ARG A 309 -25.52 -22.19 29.65
CA ARG A 309 -26.88 -22.71 29.61
C ARG A 309 -27.15 -23.52 28.35
N LEU A 310 -26.11 -24.15 27.80
CA LEU A 310 -26.29 -24.95 26.58
C LEU A 310 -25.72 -26.34 26.75
N LEU A 311 -24.72 -26.50 27.61
CA LEU A 311 -24.36 -27.85 28.04
C LEU A 311 -25.38 -28.37 29.04
N ALA A 312 -25.98 -27.47 29.83
CA ALA A 312 -27.08 -27.83 30.70
C ALA A 312 -28.36 -28.14 29.92
N ALA A 313 -28.38 -27.90 28.61
CA ALA A 313 -29.52 -28.25 27.78
C ALA A 313 -29.37 -29.62 27.13
N LYS A 314 -28.28 -30.34 27.42
CA LYS A 314 -28.10 -31.71 26.96
C LYS A 314 -27.89 -32.70 28.08
N VAL A 315 -27.57 -32.23 29.29
CA VAL A 315 -27.53 -33.08 30.47
C VAL A 315 -28.69 -32.76 31.41
N GLY A 316 -29.11 -31.51 31.46
CA GLY A 316 -30.30 -31.04 32.14
C GLY A 316 -30.03 -30.34 33.46
N CYS A 317 -29.90 -29.01 33.37
CA CYS A 317 -30.04 -28.13 34.53
C CYS A 317 -30.66 -26.78 34.18
N ASP A 318 -31.18 -26.58 32.98
CA ASP A 318 -31.60 -25.26 32.55
C ASP A 318 -32.94 -24.89 33.20
N ARG A 319 -32.92 -24.87 34.52
CA ARG A 319 -34.01 -24.26 35.27
C ARG A 319 -34.01 -22.76 35.01
N GLU A 320 -35.18 -22.21 34.70
CA GLU A 320 -35.25 -20.79 34.35
C GLU A 320 -34.88 -19.88 35.51
N ASP A 321 -34.82 -20.41 36.74
CA ASP A 321 -34.19 -19.69 37.83
C ASP A 321 -32.70 -19.56 37.54
N SER A 322 -32.16 -18.35 37.71
CA SER A 322 -30.80 -18.07 37.26
C SER A 322 -29.79 -18.94 37.98
N ALA A 323 -29.85 -18.98 39.31
CA ALA A 323 -28.87 -19.73 40.10
C ALA A 323 -29.36 -21.14 40.43
N GLU A 324 -29.73 -21.91 39.39
CA GLU A 324 -30.17 -23.29 39.57
C GLU A 324 -29.48 -24.19 38.56
N ALA A 325 -28.17 -24.04 38.45
CA ALA A 325 -27.35 -24.91 37.60
C ALA A 325 -26.17 -25.52 38.34
N VAL A 326 -25.58 -24.79 39.29
CA VAL A 326 -24.47 -25.36 40.05
C VAL A 326 -24.94 -26.50 40.94
N GLU A 327 -26.12 -26.35 41.54
CA GLU A 327 -26.60 -27.28 42.55
C GLU A 327 -27.26 -28.51 41.96
N CYS A 328 -27.01 -28.82 40.69
CA CYS A 328 -27.37 -30.11 40.10
C CYS A 328 -26.18 -30.70 39.36
N LEU A 329 -25.35 -29.82 38.79
CA LEU A 329 -24.14 -30.26 38.11
C LEU A 329 -23.05 -30.65 39.08
N ARG A 330 -23.04 -30.06 40.28
CA ARG A 330 -21.95 -30.31 41.21
C ARG A 330 -21.90 -31.76 41.68
N ARG A 331 -22.97 -32.52 41.48
CA ARG A 331 -22.94 -33.97 41.70
C ARG A 331 -22.76 -34.76 40.41
N LYS A 332 -22.94 -34.13 39.26
CA LYS A 332 -22.76 -34.85 38.00
C LYS A 332 -21.31 -35.32 37.86
N PRO A 333 -21.09 -36.55 37.40
CA PRO A 333 -19.72 -37.05 37.29
C PRO A 333 -18.90 -36.27 36.27
N SER A 334 -17.59 -36.25 36.52
CA SER A 334 -16.68 -35.46 35.69
C SER A 334 -16.59 -35.96 34.26
N ARG A 335 -16.88 -37.24 34.00
CA ARG A 335 -16.71 -37.78 32.66
C ARG A 335 -17.85 -37.42 31.73
N GLU A 336 -19.08 -37.30 32.24
CA GLU A 336 -20.18 -36.85 31.39
C GLU A 336 -20.11 -35.35 31.15
N LEU A 337 -19.64 -34.59 32.15
CA LEU A 337 -19.60 -33.13 32.07
C LEU A 337 -18.51 -32.61 31.14
N VAL A 338 -17.64 -33.47 30.62
CA VAL A 338 -16.60 -33.04 29.70
C VAL A 338 -16.82 -33.63 28.30
N ASP A 339 -18.05 -34.03 27.99
CA ASP A 339 -18.40 -34.65 26.71
C ASP A 339 -19.60 -33.95 26.09
N GLN A 340 -19.55 -32.62 26.05
CA GLN A 340 -20.59 -31.81 25.44
C GLN A 340 -19.99 -31.00 24.29
N ASP A 341 -20.75 -30.88 23.20
CA ASP A 341 -20.31 -30.17 22.02
C ASP A 341 -20.59 -28.66 22.19
N VAL A 342 -19.82 -28.06 23.08
CA VAL A 342 -19.85 -26.60 23.22
C VAL A 342 -18.98 -26.01 22.12
N GLN A 343 -19.60 -25.75 20.96
CA GLN A 343 -18.87 -25.29 19.80
C GLN A 343 -18.87 -23.77 19.79
N PRO A 344 -17.73 -23.12 19.98
CA PRO A 344 -17.70 -21.65 20.04
C PRO A 344 -17.88 -21.04 18.66
N ALA A 345 -18.15 -19.74 18.65
CA ALA A 345 -18.16 -19.00 17.41
C ALA A 345 -16.75 -18.98 16.80
N ARG A 346 -16.71 -18.78 15.48
CA ARG A 346 -15.44 -18.85 14.76
C ARG A 346 -14.43 -17.90 15.37
N TYR A 347 -13.22 -18.41 15.63
CA TYR A 347 -12.09 -17.70 16.20
C TYR A 347 -12.35 -17.22 17.64
N HIS A 348 -13.49 -17.55 18.23
CA HIS A 348 -13.76 -17.27 19.65
C HIS A 348 -13.69 -18.57 20.44
N ILE A 349 -13.61 -18.44 21.76
CA ILE A 349 -13.53 -19.62 22.62
C ILE A 349 -14.78 -19.71 23.49
N ALA A 350 -14.86 -20.76 24.29
CA ALA A 350 -16.02 -21.01 25.14
C ALA A 350 -15.71 -20.98 26.63
N PHE A 351 -14.58 -21.55 27.05
CA PHE A 351 -14.24 -21.66 28.47
C PHE A 351 -12.84 -21.10 28.70
N GLY A 352 -12.76 -19.81 28.97
CA GLY A 352 -11.51 -19.15 29.26
C GLY A 352 -11.70 -18.13 30.35
N PRO A 353 -10.62 -17.43 30.72
CA PRO A 353 -10.73 -16.43 31.78
C PRO A 353 -11.75 -15.36 31.42
N VAL A 354 -12.50 -14.91 32.42
CA VAL A 354 -13.60 -13.96 32.22
C VAL A 354 -13.42 -12.82 33.21
N VAL A 355 -13.99 -11.67 32.87
CA VAL A 355 -13.92 -10.49 33.72
C VAL A 355 -15.01 -10.56 34.79
N ASP A 356 -14.59 -10.59 36.05
CA ASP A 356 -15.52 -10.62 37.19
C ASP A 356 -15.25 -9.54 38.22
N GLY A 357 -13.98 -9.23 38.49
CA GLY A 357 -13.65 -8.13 39.39
C GLY A 357 -12.52 -8.39 40.36
N ASP A 358 -12.28 -9.64 40.70
CA ASP A 358 -11.30 -9.95 41.74
C ASP A 358 -9.94 -10.36 41.18
N VAL A 359 -9.90 -10.98 40.00
CA VAL A 359 -8.65 -11.38 39.38
C VAL A 359 -8.58 -10.78 37.99
N VAL A 360 -9.72 -10.37 37.45
CA VAL A 360 -9.77 -9.61 36.21
C VAL A 360 -10.71 -8.44 36.47
N PRO A 361 -10.26 -7.39 37.15
CA PRO A 361 -11.16 -6.25 37.46
C PRO A 361 -11.73 -5.61 36.21
N ASP A 362 -10.85 -5.15 35.32
CA ASP A 362 -11.26 -4.53 34.07
C ASP A 362 -10.49 -5.14 32.92
N ASP A 363 -11.14 -5.18 31.76
CA ASP A 363 -10.60 -5.77 30.53
C ASP A 363 -9.19 -5.27 30.26
N PRO A 364 -8.30 -6.10 29.71
CA PRO A 364 -6.97 -5.61 29.33
C PRO A 364 -7.04 -4.57 28.23
N GLU A 365 -8.18 -4.41 27.56
CA GLU A 365 -8.35 -3.28 26.65
C GLU A 365 -8.17 -1.96 27.39
N ILE A 366 -8.81 -1.83 28.56
CA ILE A 366 -8.77 -0.60 29.34
C ILE A 366 -7.67 -0.71 30.40
N LEU A 367 -7.76 -1.73 31.25
CA LEU A 367 -6.85 -1.88 32.38
C LEU A 367 -5.38 -1.72 32.00
N MET A 368 -5.01 -2.09 30.77
CA MET A 368 -3.62 -1.95 30.36
C MET A 368 -3.27 -0.50 30.08
N GLN A 369 -4.26 0.33 29.76
CA GLN A 369 -4.01 1.74 29.47
C GLN A 369 -3.62 2.50 30.73
N GLN A 370 -4.49 2.47 31.74
CA GLN A 370 -4.08 2.93 33.06
C GLN A 370 -2.95 2.04 33.58
N GLY A 371 -1.83 2.66 33.90
CA GLY A 371 -0.61 1.90 34.13
C GLY A 371 -0.50 1.24 35.49
N GLU A 372 -1.58 0.61 35.97
CA GLU A 372 -1.54 0.01 37.29
C GLU A 372 -0.70 -1.25 37.35
N PHE A 373 -0.29 -1.81 36.22
CA PHE A 373 0.61 -2.95 36.25
C PHE A 373 2.03 -2.49 36.52
N LEU A 374 2.75 -3.27 37.33
CA LEU A 374 4.09 -2.89 37.76
C LEU A 374 5.07 -3.08 36.61
N ASN A 375 6.37 -2.91 36.90
CA ASN A 375 7.41 -3.02 35.89
C ASN A 375 7.99 -4.43 35.91
N TYR A 376 7.29 -5.33 35.22
CA TYR A 376 7.86 -6.62 34.85
C TYR A 376 8.55 -6.45 33.50
N ASP A 377 8.99 -7.57 32.90
CA ASP A 377 9.67 -7.52 31.61
C ASP A 377 9.16 -8.60 30.66
N MET A 378 8.10 -8.28 29.93
CA MET A 378 7.50 -9.18 28.98
C MET A 378 8.41 -9.39 27.78
N LEU A 379 8.32 -10.60 27.21
CA LEU A 379 9.04 -10.95 25.98
C LEU A 379 8.02 -11.53 25.00
N ILE A 380 7.68 -10.74 24.00
CA ILE A 380 6.71 -11.14 22.99
C ILE A 380 7.46 -11.82 21.86
N GLY A 381 6.75 -12.63 21.08
CA GLY A 381 7.36 -13.29 19.95
C GLY A 381 6.28 -13.79 19.00
N VAL A 382 6.70 -13.99 17.75
CA VAL A 382 5.78 -14.44 16.70
C VAL A 382 6.50 -15.34 15.71
N ASN A 383 5.98 -16.54 15.50
CA ASN A 383 6.54 -17.44 14.51
C ASN A 383 6.19 -16.91 13.13
N GLN A 384 7.19 -16.62 12.31
CA GLN A 384 6.92 -16.04 11.00
C GLN A 384 6.27 -17.10 10.13
N GLY A 385 4.99 -16.92 9.85
CA GLY A 385 4.26 -17.85 9.03
C GLY A 385 3.53 -18.82 9.93
N GLU A 386 2.23 -18.59 10.13
CA GLU A 386 1.43 -19.44 11.02
C GLU A 386 -0.02 -19.13 10.76
N GLY A 387 -0.80 -20.17 10.50
CA GLY A 387 -2.12 -19.99 9.94
C GLY A 387 -2.25 -20.86 8.72
N LEU A 388 -1.29 -21.78 8.55
CA LEU A 388 -1.30 -22.73 7.44
C LEU A 388 -2.60 -23.54 7.38
N LYS A 389 -3.43 -23.47 8.41
CA LYS A 389 -4.74 -24.07 8.40
C LYS A 389 -5.83 -23.02 8.19
N PHE A 390 -5.47 -21.91 7.54
CA PHE A 390 -6.46 -20.97 7.00
C PHE A 390 -6.80 -21.26 5.56
N VAL A 391 -5.82 -21.70 4.76
CA VAL A 391 -6.05 -22.09 3.37
C VAL A 391 -5.37 -23.44 3.14
N GLU A 392 -6.12 -24.52 3.33
CA GLU A 392 -5.67 -25.87 3.01
C GLU A 392 -6.84 -26.83 3.26
N VAL A 401 -7.55 -20.02 -5.08
CA VAL A 401 -6.48 -19.68 -6.02
C VAL A 401 -7.05 -18.94 -7.21
N SER A 402 -8.38 -18.95 -7.34
CA SER A 402 -9.06 -18.32 -8.46
C SER A 402 -9.19 -16.83 -8.20
N ALA A 403 -9.98 -16.15 -9.03
CA ALA A 403 -10.33 -14.76 -8.80
C ALA A 403 -11.67 -14.62 -8.08
N SER A 404 -12.34 -15.73 -7.78
CA SER A 404 -13.52 -15.72 -6.94
C SER A 404 -13.43 -16.74 -5.81
N ALA A 405 -12.28 -17.40 -5.66
CA ALA A 405 -11.96 -18.14 -4.44
C ALA A 405 -11.29 -17.22 -3.43
N PHE A 406 -10.29 -16.45 -3.87
CA PHE A 406 -9.69 -15.41 -3.07
C PHE A 406 -10.66 -14.29 -2.75
N ASP A 407 -11.77 -14.20 -3.48
CA ASP A 407 -12.81 -13.23 -3.20
C ASP A 407 -13.90 -13.85 -2.31
N PHE A 408 -13.70 -15.09 -1.88
CA PHE A 408 -14.67 -15.78 -1.05
C PHE A 408 -14.23 -15.95 0.39
N THR A 409 -12.93 -16.11 0.64
CA THR A 409 -12.44 -16.10 2.02
C THR A 409 -12.48 -14.71 2.62
N VAL A 410 -12.30 -13.68 1.79
CA VAL A 410 -12.12 -12.33 2.27
C VAL A 410 -13.46 -11.61 2.40
N SER A 411 -14.55 -12.36 2.35
CA SER A 411 -15.86 -11.85 2.71
C SER A 411 -16.39 -12.48 4.00
N ASN A 412 -16.41 -13.80 4.09
CA ASN A 412 -16.81 -14.44 5.33
C ASN A 412 -15.78 -14.23 6.44
N PHE A 413 -14.50 -14.06 6.10
CA PHE A 413 -13.52 -13.71 7.12
C PHE A 413 -13.86 -12.36 7.73
N VAL A 414 -14.17 -11.37 6.90
CA VAL A 414 -14.49 -10.04 7.41
C VAL A 414 -15.78 -10.07 8.20
N ASP A 415 -16.78 -10.82 7.71
CA ASP A 415 -18.04 -10.93 8.44
C ASP A 415 -17.84 -11.57 9.80
N ASN A 416 -17.01 -12.62 9.88
CA ASN A 416 -16.92 -13.43 11.08
C ASN A 416 -16.19 -12.72 12.21
N LEU A 417 -15.25 -11.83 11.89
CA LEU A 417 -14.24 -11.40 12.85
C LEU A 417 -14.10 -9.87 12.82
N TYR A 418 -15.23 -9.17 12.94
CA TYR A 418 -15.17 -7.71 12.93
C TYR A 418 -16.09 -7.05 13.95
N GLY A 419 -16.70 -7.80 14.86
CA GLY A 419 -17.62 -7.23 15.82
C GLY A 419 -18.98 -6.88 15.25
N TYR A 420 -19.20 -7.10 13.96
CA TYR A 420 -20.47 -6.95 13.27
C TYR A 420 -21.05 -5.54 13.33
N PRO A 421 -20.31 -4.48 12.94
CA PRO A 421 -20.94 -3.17 12.77
C PRO A 421 -21.42 -2.96 11.34
N GLU A 422 -21.95 -1.76 11.06
CA GLU A 422 -22.41 -1.39 9.73
C GLU A 422 -21.40 -0.46 9.06
N GLY A 423 -21.18 -0.67 7.77
CA GLY A 423 -20.17 0.06 7.04
C GLY A 423 -19.08 -0.86 6.54
N LYS A 424 -19.47 -2.10 6.25
CA LYS A 424 -18.52 -3.14 5.89
C LYS A 424 -18.03 -3.02 4.45
N ASP A 425 -18.90 -2.57 3.54
CA ASP A 425 -18.65 -2.73 2.10
C ASP A 425 -17.39 -2.02 1.63
N VAL A 426 -16.83 -1.11 2.43
CA VAL A 426 -15.59 -0.44 2.02
C VAL A 426 -14.38 -1.23 2.49
N LEU A 427 -14.46 -1.81 3.68
CA LEU A 427 -13.33 -2.50 4.28
C LEU A 427 -12.94 -3.76 3.54
N ARG A 428 -13.91 -4.53 3.05
CA ARG A 428 -13.57 -5.71 2.27
C ARG A 428 -12.73 -5.34 1.06
N GLU A 429 -13.14 -4.30 0.34
CA GLU A 429 -12.43 -3.93 -0.87
C GLU A 429 -11.08 -3.30 -0.56
N THR A 430 -10.98 -2.54 0.52
CA THR A 430 -9.68 -2.01 0.91
C THR A 430 -8.70 -3.13 1.24
N ILE A 431 -9.16 -4.15 1.98
CA ILE A 431 -8.31 -5.29 2.28
C ILE A 431 -7.92 -6.01 1.00
N LYS A 432 -8.89 -6.25 0.13
CA LYS A 432 -8.64 -6.95 -1.13
C LYS A 432 -7.64 -6.20 -2.00
N PHE A 433 -7.60 -4.86 -1.92
CA PHE A 433 -6.60 -4.11 -2.64
C PHE A 433 -5.23 -4.17 -1.97
N MET A 434 -5.19 -4.16 -0.63
CA MET A 434 -3.90 -4.04 0.03
C MET A 434 -3.08 -5.32 -0.06
N TYR A 435 -3.72 -6.48 0.00
CA TYR A 435 -3.01 -7.76 0.00
C TYR A 435 -2.92 -8.38 -1.39
N THR A 436 -3.11 -7.59 -2.43
CA THR A 436 -2.82 -8.01 -3.80
C THR A 436 -1.40 -7.58 -4.16
N ASP A 437 -0.86 -8.17 -5.22
CA ASP A 437 0.45 -7.79 -5.75
C ASP A 437 0.23 -7.40 -7.20
N TRP A 438 -0.06 -6.11 -7.42
CA TRP A 438 -0.50 -5.64 -8.74
C TRP A 438 0.59 -5.77 -9.80
N ALA A 439 1.85 -5.90 -9.40
CA ALA A 439 2.91 -6.07 -10.39
C ALA A 439 2.70 -7.35 -11.19
N ASP A 440 2.35 -8.45 -10.51
CA ASP A 440 2.00 -9.72 -11.16
C ASP A 440 0.74 -10.28 -10.49
N ARG A 441 -0.42 -9.85 -10.99
CA ARG A 441 -1.69 -10.26 -10.40
C ARG A 441 -2.06 -11.68 -10.82
N ASP A 442 -1.75 -12.05 -12.06
CA ASP A 442 -2.39 -13.20 -12.69
C ASP A 442 -2.07 -14.52 -11.98
N ASN A 443 -0.82 -14.71 -11.57
CA ASN A 443 -0.38 -16.03 -11.12
C ASN A 443 -1.15 -16.48 -9.89
N GLY A 444 -1.32 -17.80 -9.77
CA GLY A 444 -2.09 -18.39 -8.70
C GLY A 444 -1.36 -18.61 -7.40
N GLU A 445 -0.09 -18.19 -7.31
CA GLU A 445 0.67 -18.29 -6.07
C GLU A 445 0.76 -16.95 -5.35
N MET A 446 0.02 -15.95 -5.80
CA MET A 446 -0.26 -14.77 -5.00
C MET A 446 -1.39 -15.06 -4.03
N ARG A 447 -2.57 -15.34 -4.56
CA ARG A 447 -3.66 -15.85 -3.75
C ARG A 447 -3.35 -17.29 -3.33
N ARG A 448 -3.85 -17.67 -2.15
CA ARG A 448 -3.46 -18.86 -1.40
C ARG A 448 -2.04 -18.74 -0.87
N LYS A 449 -1.40 -17.58 -1.03
CA LYS A 449 -0.16 -17.29 -0.31
C LYS A 449 -0.18 -15.94 0.36
N THR A 450 -1.01 -14.99 -0.09
CA THR A 450 -1.26 -13.80 0.71
C THR A 450 -2.38 -14.01 1.71
N LEU A 451 -3.27 -14.99 1.45
CA LEU A 451 -4.26 -15.35 2.47
C LEU A 451 -3.61 -15.94 3.71
N LEU A 452 -2.50 -16.67 3.54
CA LEU A 452 -1.71 -17.08 4.68
C LEU A 452 -0.96 -15.91 5.31
N ALA A 453 -0.95 -14.76 4.64
CA ALA A 453 -0.40 -13.54 5.21
C ALA A 453 -1.50 -12.58 5.66
N LEU A 454 -2.76 -13.01 5.64
CA LEU A 454 -3.87 -12.21 6.13
C LEU A 454 -4.43 -12.72 7.44
N PHE A 455 -4.15 -13.97 7.80
CA PHE A 455 -4.55 -14.52 9.09
C PHE A 455 -3.39 -14.51 10.08
N THR A 456 -2.16 -14.52 9.58
CA THR A 456 -1.00 -14.34 10.43
C THR A 456 -0.88 -12.92 10.96
N ASP A 457 -1.45 -11.94 10.27
CA ASP A 457 -1.28 -10.55 10.65
C ASP A 457 -2.34 -10.04 11.60
N HIS A 458 -3.59 -10.49 11.45
CA HIS A 458 -4.67 -9.95 12.26
C HIS A 458 -4.79 -10.60 13.61
N GLN A 459 -4.11 -11.72 13.85
CA GLN A 459 -4.21 -12.45 15.12
C GLN A 459 -2.90 -12.50 15.89
N TRP A 460 -1.80 -12.92 15.27
CA TRP A 460 -0.53 -13.06 15.97
C TRP A 460 0.43 -11.90 15.77
N VAL A 461 0.34 -11.16 14.66
CA VAL A 461 1.38 -10.19 14.35
C VAL A 461 1.01 -8.78 14.75
N ALA A 462 -0.28 -8.42 14.68
CA ALA A 462 -0.51 -7.05 15.12
C ALA A 462 -1.55 -6.88 16.21
N PRO A 463 -1.64 -7.78 17.20
CA PRO A 463 -1.90 -7.34 18.57
C PRO A 463 -0.62 -7.33 19.40
N ALA A 464 0.44 -7.92 18.84
CA ALA A 464 1.67 -8.07 19.58
C ALA A 464 2.40 -6.75 19.72
N VAL A 465 2.51 -5.99 18.62
CA VAL A 465 3.22 -4.72 18.68
C VAL A 465 2.44 -3.70 19.49
N ALA A 466 1.11 -3.81 19.51
CA ALA A 466 0.32 -2.93 20.36
C ALA A 466 0.59 -3.18 21.83
N THR A 467 0.83 -4.43 22.22
CA THR A 467 1.26 -4.73 23.57
C THR A 467 2.69 -4.31 23.83
N ALA A 468 3.54 -4.33 22.80
CA ALA A 468 4.93 -3.94 23.00
C ALA A 468 5.06 -2.43 23.23
N LYS A 469 4.40 -1.62 22.40
CA LYS A 469 4.51 -0.17 22.54
C LYS A 469 4.05 0.30 23.92
N LEU A 470 2.80 0.03 24.24
CA LEU A 470 2.19 0.58 25.45
C LEU A 470 2.85 0.05 26.72
N HIS A 471 3.54 -1.08 26.64
CA HIS A 471 4.28 -1.59 27.78
C HIS A 471 5.70 -1.06 27.83
N ALA A 472 6.25 -0.65 26.70
CA ALA A 472 7.55 0.01 26.69
C ALA A 472 7.48 1.46 27.12
N ASP A 473 6.35 2.13 26.88
CA ASP A 473 6.22 3.54 27.27
C ASP A 473 6.32 3.70 28.79
N TYR A 474 5.66 2.82 29.54
CA TYR A 474 5.59 3.01 30.99
C TYR A 474 6.84 2.50 31.69
N GLN A 475 8.02 2.92 31.21
CA GLN A 475 9.30 2.61 31.84
C GLN A 475 9.40 1.13 32.23
N SER A 476 9.37 0.29 31.19
CA SER A 476 9.53 -1.14 31.36
C SER A 476 10.21 -1.72 30.13
N PRO A 477 11.00 -2.77 30.28
CA PRO A 477 11.66 -3.38 29.11
C PRO A 477 10.80 -4.43 28.42
N VAL A 478 10.60 -4.30 27.12
CA VAL A 478 9.89 -5.29 26.32
C VAL A 478 10.76 -5.66 25.13
N TYR A 479 10.96 -6.95 24.93
CA TYR A 479 11.81 -7.47 23.86
C TYR A 479 10.94 -8.00 22.72
N PHE A 480 11.58 -8.61 21.72
CA PHE A 480 10.84 -9.11 20.57
C PHE A 480 11.72 -10.12 19.86
N TYR A 481 11.12 -10.91 18.97
CA TYR A 481 11.86 -11.84 18.12
C TYR A 481 10.94 -12.33 17.02
N THR A 482 11.51 -13.06 16.06
CA THR A 482 10.73 -13.59 14.94
C THR A 482 11.40 -14.86 14.45
N PHE A 483 10.81 -16.00 14.77
CA PHE A 483 11.35 -17.31 14.40
C PHE A 483 11.08 -17.59 12.93
N TYR A 484 12.00 -18.33 12.30
CA TYR A 484 11.89 -18.67 10.87
C TYR A 484 12.14 -20.12 10.50
N HIS A 485 12.98 -20.87 11.20
CA HIS A 485 13.56 -22.10 10.67
C HIS A 485 13.03 -23.31 11.43
N HIS A 486 12.65 -24.35 10.68
CA HIS A 486 12.03 -25.53 11.25
C HIS A 486 12.78 -26.78 10.82
N CYS A 487 12.58 -27.86 11.57
CA CYS A 487 13.10 -29.16 11.18
C CYS A 487 12.32 -29.68 9.98
N GLN A 488 13.01 -29.98 8.89
CA GLN A 488 12.34 -30.28 7.64
C GLN A 488 11.70 -31.67 7.67
N ALA A 489 10.45 -31.76 7.28
CA ALA A 489 9.70 -33.01 7.26
C ALA A 489 8.71 -32.95 6.09
N GLU A 490 7.72 -33.84 6.11
CA GLU A 490 6.73 -33.85 5.04
C GLU A 490 5.93 -32.56 5.05
N GLY A 491 5.67 -32.02 3.87
CA GLY A 491 4.90 -30.79 3.74
C GLY A 491 5.49 -29.61 4.47
N ARG A 492 6.81 -29.56 4.62
CA ARG A 492 7.49 -28.47 5.32
C ARG A 492 8.70 -27.98 4.52
N PRO A 493 8.47 -27.38 3.35
CA PRO A 493 9.56 -26.71 2.64
C PRO A 493 9.75 -25.32 3.22
N GLU A 494 10.60 -24.52 2.57
CA GLU A 494 10.67 -23.12 2.93
C GLU A 494 9.42 -22.36 2.50
N TRP A 495 8.61 -22.94 1.63
CA TRP A 495 7.26 -22.43 1.41
C TRP A 495 6.44 -22.51 2.68
N ALA A 496 6.71 -23.51 3.53
CA ALA A 496 5.95 -23.74 4.75
C ALA A 496 6.86 -23.42 5.94
N ASP A 497 6.69 -22.22 6.48
CA ASP A 497 7.47 -21.76 7.62
C ASP A 497 6.91 -22.34 8.92
N ALA A 498 7.32 -21.78 10.06
CA ALA A 498 7.02 -22.31 11.39
C ALA A 498 5.60 -22.90 11.53
N ALA A 499 4.58 -22.11 11.18
CA ALA A 499 3.19 -22.58 11.17
C ALA A 499 2.66 -23.02 12.53
N HIS A 500 2.60 -22.09 13.49
CA HIS A 500 2.00 -22.30 14.82
C HIS A 500 2.55 -23.56 15.48
N GLY A 501 3.83 -23.51 15.77
CA GLY A 501 4.60 -24.65 16.21
C GLY A 501 5.91 -24.70 15.49
N ASP A 502 6.69 -25.74 15.81
CA ASP A 502 8.08 -25.91 15.42
C ASP A 502 9.02 -24.98 16.17
N GLU A 503 8.52 -24.17 17.12
CA GLU A 503 9.40 -23.53 18.09
C GLU A 503 9.54 -24.35 19.36
N LEU A 504 8.59 -25.26 19.61
CA LEU A 504 8.58 -25.97 20.89
C LEU A 504 9.68 -27.03 20.95
N PRO A 505 9.88 -27.89 19.95
CA PRO A 505 10.99 -28.86 20.06
C PRO A 505 12.34 -28.21 20.32
N TYR A 506 12.62 -27.07 19.68
CA TYR A 506 13.94 -26.46 19.82
C TYR A 506 14.18 -25.94 21.23
N VAL A 507 13.18 -25.29 21.81
CA VAL A 507 13.32 -24.86 23.21
C VAL A 507 13.24 -26.04 24.17
N PHE A 508 12.74 -27.19 23.72
CA PHE A 508 12.65 -28.36 24.57
C PHE A 508 13.82 -29.32 24.41
N GLY A 509 14.68 -29.11 23.41
CA GLY A 509 15.86 -29.93 23.26
C GLY A 509 15.65 -31.27 22.59
N VAL A 510 14.54 -31.46 21.90
CA VAL A 510 14.24 -32.72 21.22
C VAL A 510 15.38 -33.15 20.29
N PRO A 511 15.96 -32.26 19.47
CA PRO A 511 17.10 -32.71 18.65
C PRO A 511 18.30 -33.16 19.46
N MET A 512 18.61 -32.49 20.57
CA MET A 512 19.88 -32.71 21.25
C MET A 512 19.98 -34.06 21.95
N VAL A 513 18.88 -34.80 22.06
CA VAL A 513 18.94 -36.13 22.67
C VAL A 513 18.24 -37.14 21.77
N GLY A 514 18.11 -36.81 20.50
CA GLY A 514 17.44 -37.72 19.58
C GLY A 514 15.95 -37.50 19.56
N ALA A 515 15.35 -37.83 18.41
CA ALA A 515 13.93 -37.59 18.21
C ALA A 515 13.10 -38.45 19.16
N THR A 516 12.06 -37.85 19.73
CA THR A 516 11.13 -38.56 20.60
C THR A 516 9.98 -39.11 19.76
N ASP A 517 8.92 -39.57 20.42
CA ASP A 517 7.80 -40.17 19.73
C ASP A 517 6.95 -39.12 19.01
N LEU A 518 6.43 -38.15 19.77
CA LEU A 518 5.47 -37.20 19.23
C LEU A 518 6.11 -36.21 18.25
N PHE A 519 7.43 -36.10 18.21
CA PHE A 519 8.10 -35.24 17.23
C PHE A 519 8.87 -36.08 16.21
N PRO A 520 8.22 -36.63 15.18
CA PRO A 520 8.98 -37.32 14.13
C PRO A 520 9.51 -36.32 13.11
N CYS A 521 10.83 -36.28 12.96
CA CYS A 521 11.46 -35.46 11.94
C CYS A 521 12.77 -36.15 11.54
N ASN A 522 13.65 -35.42 10.86
CA ASN A 522 14.98 -35.94 10.52
C ASN A 522 15.99 -34.91 11.04
N PHE A 523 16.41 -35.08 12.28
CA PHE A 523 17.34 -34.14 12.90
C PHE A 523 18.70 -34.20 12.22
N SER A 524 19.34 -33.06 12.13
CA SER A 524 20.69 -32.93 11.60
C SER A 524 21.55 -32.16 12.60
N LYS A 525 22.83 -31.98 12.24
CA LYS A 525 23.71 -31.14 13.05
C LYS A 525 23.47 -29.66 12.83
N ASN A 526 22.66 -29.31 11.84
CA ASN A 526 22.28 -27.91 11.66
C ASN A 526 21.28 -27.47 12.72
N ASP A 527 20.29 -28.33 13.02
CA ASP A 527 19.29 -27.99 14.01
C ASP A 527 19.89 -27.87 15.40
N VAL A 528 20.84 -28.75 15.74
CA VAL A 528 21.31 -28.86 17.12
C VAL A 528 22.04 -27.60 17.59
N MET A 529 22.55 -26.77 16.68
CA MET A 529 23.16 -25.53 17.13
C MET A 529 22.12 -24.50 17.56
N LEU A 530 20.93 -24.52 16.97
CA LEU A 530 19.88 -23.58 17.36
C LEU A 530 19.48 -23.78 18.81
N SER A 531 19.46 -25.02 19.28
CA SER A 531 19.04 -25.28 20.66
C SER A 531 19.97 -24.58 21.65
N ALA A 532 21.27 -24.55 21.35
CA ALA A 532 22.21 -23.91 22.27
C ALA A 532 21.83 -22.45 22.53
N VAL A 533 21.62 -21.68 21.46
CA VAL A 533 21.31 -20.27 21.62
C VAL A 533 19.91 -20.08 22.19
N VAL A 534 18.93 -20.87 21.75
CA VAL A 534 17.56 -20.65 22.22
C VAL A 534 17.31 -21.20 23.61
N MET A 535 18.24 -21.98 24.17
CA MET A 535 18.20 -22.36 25.57
C MET A 535 19.22 -21.59 26.40
N THR A 536 20.08 -20.80 25.76
CA THR A 536 20.87 -19.83 26.52
C THR A 536 20.10 -18.54 26.74
N TYR A 537 19.36 -18.08 25.73
CA TYR A 537 18.54 -16.87 25.88
C TYR A 537 17.48 -17.05 26.96
N TRP A 538 16.58 -18.03 26.78
CA TRP A 538 15.51 -18.32 27.72
C TRP A 538 15.95 -18.78 29.11
N THR A 539 17.25 -18.88 29.35
CA THR A 539 17.76 -19.22 30.68
C THR A 539 18.51 -18.07 31.32
N ASN A 540 19.42 -17.44 30.57
CA ASN A 540 19.99 -16.17 30.99
C ASN A 540 18.89 -15.16 31.30
N PHE A 541 17.77 -15.21 30.56
CA PHE A 541 16.63 -14.37 30.86
C PHE A 541 16.13 -14.59 32.28
N ALA A 542 15.72 -15.82 32.60
CA ALA A 542 15.25 -16.11 33.94
C ALA A 542 16.30 -15.77 34.98
N LYS A 543 17.58 -15.87 34.63
CA LYS A 543 18.63 -15.45 35.55
C LYS A 543 18.56 -13.95 35.84
N THR A 544 18.55 -13.12 34.79
CA THR A 544 18.68 -11.68 34.99
C THR A 544 17.78 -10.82 34.11
N GLY A 545 16.92 -11.39 33.29
CA GLY A 545 16.06 -10.58 32.44
C GLY A 545 16.72 -10.14 31.16
N ASP A 546 17.96 -9.66 31.26
CA ASP A 546 18.56 -9.52 29.93
C ASP A 546 19.01 -10.88 29.42
N PRO A 547 18.73 -11.22 28.16
CA PRO A 547 19.00 -12.57 27.67
C PRO A 547 20.46 -12.88 27.41
N ASN A 548 21.38 -11.96 27.69
CA ASN A 548 22.75 -12.14 27.19
C ASN A 548 23.87 -11.88 28.20
N GLN A 549 23.63 -11.18 29.31
CA GLN A 549 24.74 -10.62 30.08
C GLN A 549 25.66 -11.68 30.70
N PRO A 550 25.17 -12.71 31.44
CA PRO A 550 26.08 -13.74 31.95
C PRO A 550 26.95 -14.44 30.91
N VAL A 551 26.32 -15.11 29.95
CA VAL A 551 27.06 -16.03 29.07
C VAL A 551 26.79 -15.65 27.62
N PRO A 552 27.71 -15.99 26.71
CA PRO A 552 27.53 -15.75 25.28
C PRO A 552 26.79 -16.90 24.59
N ASN A 563 22.77 -21.98 14.20
CA ASN A 563 23.78 -20.98 14.55
C ASN A 563 24.14 -20.15 13.33
N ARG A 564 25.31 -20.45 12.75
CA ARG A 564 25.83 -19.82 11.55
C ARG A 564 26.27 -18.38 11.82
N PHE A 565 25.99 -17.88 13.01
CA PHE A 565 26.37 -16.55 13.44
C PHE A 565 26.46 -16.53 14.96
N GLU A 566 26.99 -15.44 15.51
CA GLU A 566 27.26 -15.40 16.93
C GLU A 566 27.33 -13.95 17.40
N GLU A 567 27.17 -13.78 18.70
CA GLU A 567 27.46 -12.56 19.46
C GLU A 567 26.50 -11.40 19.16
N VAL A 568 25.51 -11.58 18.28
CA VAL A 568 24.60 -10.49 17.96
C VAL A 568 23.86 -10.08 19.22
N VAL A 569 23.82 -8.76 19.47
CA VAL A 569 23.30 -8.24 20.73
C VAL A 569 21.78 -8.25 20.69
N TRP A 570 21.16 -8.54 21.83
CA TRP A 570 19.71 -8.70 21.90
C TRP A 570 19.13 -7.30 22.04
N SER A 571 18.54 -6.78 20.97
CA SER A 571 18.08 -5.39 20.95
C SER A 571 16.66 -5.28 21.48
N LYS A 572 16.39 -4.17 22.15
CA LYS A 572 15.12 -3.96 22.85
C LYS A 572 14.03 -3.55 21.87
N PHE A 573 12.88 -3.15 22.41
CA PHE A 573 11.78 -2.61 21.63
C PHE A 573 11.32 -1.33 22.31
N ASN A 574 11.42 -0.21 21.59
CA ASN A 574 10.96 1.08 22.07
C ASN A 574 10.13 1.72 20.97
N SER A 575 9.22 2.62 21.38
CA SER A 575 8.18 3.10 20.48
C SER A 575 8.76 3.77 19.23
N LYS A 576 9.95 4.36 19.33
CA LYS A 576 10.46 5.15 18.22
C LYS A 576 10.97 4.30 17.06
N GLU A 577 11.68 3.20 17.35
CA GLU A 577 12.36 2.46 16.30
C GLU A 577 11.80 1.07 16.03
N LYS A 578 11.33 0.34 17.04
CA LYS A 578 10.67 -0.96 16.85
C LYS A 578 11.59 -1.97 16.18
N GLN A 579 12.66 -2.31 16.90
CA GLN A 579 13.69 -3.23 16.41
C GLN A 579 13.37 -4.66 16.83
N TYR A 580 12.98 -5.50 15.87
CA TYR A 580 12.86 -6.93 16.13
C TYR A 580 14.19 -7.57 15.84
N LEU A 581 14.33 -8.84 16.20
CA LEU A 581 15.69 -9.38 16.26
C LEU A 581 15.95 -10.58 15.34
N HIS A 582 14.93 -11.30 14.88
CA HIS A 582 15.14 -12.37 13.92
C HIS A 582 16.07 -13.46 14.47
N ILE A 583 15.57 -14.17 15.48
CA ILE A 583 16.19 -15.42 15.86
C ILE A 583 15.57 -16.46 14.95
N GLY A 584 16.09 -16.52 13.72
CA GLY A 584 15.58 -17.42 12.72
C GLY A 584 16.65 -18.37 12.22
N LEU A 585 17.13 -18.11 11.00
CA LEU A 585 18.13 -18.92 10.35
C LEU A 585 19.51 -18.29 10.32
N LYS A 586 19.62 -16.95 10.35
CA LYS A 586 20.89 -16.25 10.47
C LYS A 586 20.64 -14.99 11.30
N PRO A 587 21.06 -14.98 12.57
CA PRO A 587 20.54 -13.97 13.50
C PRO A 587 20.98 -12.54 13.23
N ARG A 588 20.37 -11.88 12.25
CA ARG A 588 20.64 -10.47 12.01
C ARG A 588 19.59 -9.60 12.69
N VAL A 589 20.04 -8.50 13.28
CA VAL A 589 19.16 -7.63 14.11
C VAL A 589 18.57 -6.59 13.16
N ARG A 590 17.47 -6.96 12.52
CA ARG A 590 16.81 -6.06 11.58
C ARG A 590 15.89 -5.10 12.35
N ASP A 591 15.02 -4.41 11.63
CA ASP A 591 14.25 -3.32 12.22
C ASP A 591 12.87 -3.20 11.56
N ASN A 592 11.88 -2.87 12.39
CA ASN A 592 10.55 -2.44 11.94
C ASN A 592 9.86 -3.51 11.10
N TYR A 593 9.54 -4.62 11.77
CA TYR A 593 8.87 -5.74 11.10
C TYR A 593 7.56 -5.31 10.47
N ARG A 594 7.42 -5.55 9.17
CA ARG A 594 6.20 -5.32 8.39
C ARG A 594 5.52 -4.01 8.77
N ALA A 595 6.22 -2.90 8.51
CA ALA A 595 5.69 -1.59 8.88
C ALA A 595 4.36 -1.31 8.18
N ASN A 596 4.29 -1.61 6.88
CA ASN A 596 3.07 -1.33 6.12
C ASN A 596 1.87 -2.07 6.71
N LYS A 597 2.01 -3.38 6.89
CA LYS A 597 0.86 -4.18 7.33
C LYS A 597 0.51 -3.89 8.79
N VAL A 598 1.52 -3.73 9.65
CA VAL A 598 1.26 -3.42 11.05
C VAL A 598 0.52 -2.09 11.15
N ALA A 599 0.99 -1.06 10.43
CA ALA A 599 0.32 0.24 10.46
C ALA A 599 -1.06 0.19 9.83
N PHE A 600 -1.25 -0.61 8.78
CA PHE A 600 -2.58 -0.77 8.21
C PHE A 600 -3.55 -1.33 9.24
N TRP A 601 -3.16 -2.43 9.90
CA TRP A 601 -4.07 -3.07 10.83
C TRP A 601 -4.22 -2.32 12.15
N LEU A 602 -3.28 -1.44 12.49
CA LEU A 602 -3.30 -0.83 13.81
C LEU A 602 -3.68 0.65 13.82
N GLU A 603 -3.43 1.40 12.74
CA GLU A 603 -3.57 2.85 12.78
C GLU A 603 -4.39 3.42 11.63
N LEU A 604 -4.92 2.59 10.74
CA LEU A 604 -5.81 3.05 9.68
C LEU A 604 -7.21 2.51 9.82
N VAL A 605 -7.36 1.20 10.02
CA VAL A 605 -8.67 0.55 10.04
C VAL A 605 -9.55 1.00 11.21
N PRO A 606 -9.03 1.45 12.36
CA PRO A 606 -9.96 1.93 13.40
C PRO A 606 -10.80 3.12 12.97
N HIS A 607 -10.34 3.93 12.02
CA HIS A 607 -11.14 5.07 11.56
C HIS A 607 -12.32 4.62 10.72
N LEU A 608 -12.14 3.56 9.92
CA LEU A 608 -13.21 3.14 9.03
C LEU A 608 -14.46 2.70 9.78
N HIS A 609 -14.34 2.42 11.08
CA HIS A 609 -15.52 2.14 11.90
C HIS A 609 -15.62 3.12 13.06
N PRO B 42 13.56 31.04 -54.41
CA PRO B 42 12.58 30.23 -53.68
C PRO B 42 11.16 30.75 -53.84
N VAL B 43 10.56 30.52 -55.01
CA VAL B 43 9.21 30.97 -55.31
C VAL B 43 8.40 29.77 -55.77
N VAL B 44 7.22 29.58 -55.19
CA VAL B 44 6.32 28.49 -55.55
C VAL B 44 4.94 29.07 -55.79
N ASN B 45 4.05 28.23 -56.31
CA ASN B 45 2.67 28.61 -56.59
C ASN B 45 1.71 27.56 -56.06
N THR B 46 0.57 28.03 -55.55
CA THR B 46 -0.49 27.18 -55.06
C THR B 46 -1.79 27.57 -55.74
N ALA B 47 -2.84 26.78 -55.50
CA ALA B 47 -4.13 27.06 -56.13
C ALA B 47 -4.67 28.43 -55.77
N TYR B 48 -4.19 29.02 -54.68
CA TYR B 48 -4.65 30.34 -54.26
C TYR B 48 -3.86 31.48 -54.89
N GLY B 49 -2.71 31.19 -55.50
CA GLY B 49 -1.87 32.24 -56.05
C GLY B 49 -0.41 31.85 -56.15
N ARG B 50 0.49 32.81 -55.96
CA ARG B 50 1.92 32.55 -56.00
C ARG B 50 2.60 33.24 -54.82
N VAL B 51 3.47 32.50 -54.14
CA VAL B 51 4.12 32.98 -52.93
C VAL B 51 5.63 32.76 -53.05
N ARG B 52 6.39 33.67 -52.44
CA ARG B 52 7.84 33.59 -52.40
C ARG B 52 8.29 32.84 -51.14
N GLY B 53 9.59 32.85 -50.89
CA GLY B 53 10.13 32.22 -49.69
C GLY B 53 11.50 32.76 -49.32
N VAL B 54 12.24 32.03 -48.49
CA VAL B 54 13.60 32.40 -48.14
C VAL B 54 14.35 31.12 -47.82
N ARG B 55 15.67 31.17 -47.79
CA ARG B 55 16.46 30.05 -47.31
C ARG B 55 17.57 30.57 -46.40
N ARG B 56 17.94 29.76 -45.43
CA ARG B 56 18.92 30.15 -44.42
C ARG B 56 19.98 29.08 -44.26
N GLU B 57 21.10 29.46 -43.66
CA GLU B 57 22.19 28.56 -43.33
C GLU B 57 22.16 28.28 -41.83
N LEU B 58 22.23 27.00 -41.47
CA LEU B 58 22.09 26.62 -40.08
C LEU B 58 23.41 26.78 -39.33
N ASN B 59 23.29 26.91 -38.00
CA ASN B 59 24.45 27.21 -37.17
C ASN B 59 25.41 26.03 -37.10
N ASN B 60 24.89 24.84 -36.87
CA ASN B 60 25.75 23.67 -36.71
C ASN B 60 26.34 23.24 -38.05
N GLU B 61 27.48 22.56 -37.97
CA GLU B 61 28.17 22.07 -39.17
C GLU B 61 27.48 20.86 -39.79
N ILE B 62 26.66 20.14 -39.02
CA ILE B 62 26.05 18.91 -39.52
C ILE B 62 25.02 19.21 -40.61
N LEU B 63 24.18 20.22 -40.38
CA LEU B 63 22.98 20.41 -41.18
C LEU B 63 23.19 21.43 -42.29
N GLY B 64 22.31 21.36 -43.30
CA GLY B 64 22.48 22.09 -44.52
C GLY B 64 21.34 23.01 -44.93
N PRO B 65 20.73 22.71 -46.08
CA PRO B 65 19.86 23.68 -46.76
C PRO B 65 18.43 23.78 -46.25
N VAL B 66 18.20 24.63 -45.25
CA VAL B 66 16.85 24.84 -44.73
C VAL B 66 16.19 25.99 -45.49
N VAL B 67 14.97 25.75 -45.98
CA VAL B 67 14.13 26.74 -46.62
C VAL B 67 12.99 27.06 -45.67
N GLN B 68 12.46 28.29 -45.77
CA GLN B 68 11.44 28.76 -44.86
C GLN B 68 10.42 29.61 -45.62
N PHE B 69 9.18 29.58 -45.14
CA PHE B 69 8.04 30.25 -45.76
C PHE B 69 7.19 30.94 -44.72
N LEU B 70 7.83 31.69 -43.81
CA LEU B 70 7.14 32.30 -42.69
C LEU B 70 5.97 33.17 -43.12
N GLY B 71 4.76 32.81 -42.70
CA GLY B 71 3.63 33.71 -42.75
C GLY B 71 2.56 33.42 -43.77
N VAL B 72 2.62 32.30 -44.48
CA VAL B 72 1.64 32.01 -45.54
C VAL B 72 0.26 31.88 -44.91
N PRO B 73 -0.80 32.28 -45.60
CA PRO B 73 -2.14 32.23 -45.02
C PRO B 73 -2.80 30.87 -45.24
N TYR B 74 -3.92 30.67 -44.53
CA TYR B 74 -4.75 29.49 -44.75
C TYR B 74 -6.25 29.79 -44.75
N ALA B 75 -6.70 30.96 -44.32
CA ALA B 75 -8.13 31.24 -44.26
C ALA B 75 -8.35 32.75 -44.20
N THR B 76 -9.59 33.14 -44.43
CA THR B 76 -9.95 34.56 -44.37
C THR B 76 -9.90 35.04 -42.93
N PRO B 77 -9.16 36.10 -42.63
CA PRO B 77 -9.09 36.61 -41.26
C PRO B 77 -10.41 37.20 -40.82
N PRO B 78 -10.87 36.87 -39.61
CA PRO B 78 -12.01 37.59 -39.05
C PRO B 78 -11.68 39.07 -38.86
N LEU B 79 -12.69 39.91 -38.99
CA LEU B 79 -12.47 41.35 -39.03
C LEU B 79 -13.31 42.11 -38.01
N GLY B 80 -14.46 41.57 -37.65
CA GLY B 80 -15.37 42.26 -36.76
C GLY B 80 -16.82 42.02 -37.12
N ALA B 81 -17.09 41.73 -38.38
CA ALA B 81 -18.42 41.30 -38.79
C ALA B 81 -18.62 39.82 -38.45
N ARG B 82 -17.80 38.96 -39.04
CA ARG B 82 -17.81 37.53 -38.72
C ARG B 82 -16.77 37.17 -37.66
N ARG B 83 -16.74 37.94 -36.57
CA ARG B 83 -16.11 37.50 -35.34
C ARG B 83 -17.10 36.67 -34.55
N PHE B 84 -16.59 35.81 -33.68
CA PHE B 84 -17.42 34.87 -32.93
C PHE B 84 -18.15 33.94 -33.91
N GLN B 85 -17.46 33.57 -34.99
CA GLN B 85 -18.09 32.95 -36.14
C GLN B 85 -17.08 32.01 -36.79
N PRO B 86 -17.54 31.00 -37.52
CA PRO B 86 -16.61 30.04 -38.12
C PRO B 86 -15.88 30.65 -39.30
N PRO B 87 -14.80 30.02 -39.77
CA PRO B 87 -13.97 30.63 -40.80
C PRO B 87 -14.43 30.26 -42.21
N GLU B 88 -13.74 30.85 -43.18
CA GLU B 88 -14.01 30.59 -44.58
C GLU B 88 -12.70 30.71 -45.35
N ALA B 89 -12.72 30.24 -46.60
CA ALA B 89 -11.53 30.23 -47.43
C ALA B 89 -11.07 31.66 -47.72
N PRO B 90 -9.79 31.85 -48.05
CA PRO B 90 -9.31 33.19 -48.39
C PRO B 90 -9.57 33.57 -49.84
N ALA B 91 -9.11 34.74 -50.24
CA ALA B 91 -9.23 35.21 -51.61
C ALA B 91 -8.06 34.68 -52.44
N SER B 92 -7.90 35.22 -53.65
CA SER B 92 -6.80 34.86 -54.53
C SER B 92 -6.15 36.13 -55.06
N TRP B 93 -4.85 36.04 -55.33
CA TRP B 93 -4.07 37.21 -55.70
C TRP B 93 -3.28 36.95 -56.96
N PRO B 94 -3.07 37.97 -57.78
CA PRO B 94 -2.16 37.85 -58.93
C PRO B 94 -0.77 38.36 -58.60
N GLY B 95 0.22 37.72 -59.22
CA GLY B 95 1.60 38.14 -59.09
C GLY B 95 2.36 37.27 -58.09
N VAL B 96 3.01 37.92 -57.13
CA VAL B 96 3.83 37.24 -56.12
C VAL B 96 3.57 37.90 -54.78
N ARG B 97 3.42 37.08 -53.73
CA ARG B 97 3.16 37.56 -52.38
C ARG B 97 4.45 37.49 -51.57
N ASN B 98 4.92 38.66 -51.11
CA ASN B 98 6.12 38.73 -50.27
C ASN B 98 5.73 38.29 -48.86
N ALA B 99 5.99 37.02 -48.55
CA ALA B 99 5.68 36.47 -47.22
C ALA B 99 6.94 35.82 -46.64
N THR B 100 7.78 36.63 -46.00
CA THR B 100 8.81 36.08 -45.11
C THR B 100 9.08 37.12 -44.02
N THR B 101 8.33 36.99 -42.93
CA THR B 101 8.52 37.69 -41.67
C THR B 101 7.86 36.84 -40.59
N LEU B 102 8.13 37.16 -39.34
CA LEU B 102 7.33 36.59 -38.28
C LEU B 102 5.96 37.25 -38.33
N PRO B 103 4.89 36.51 -38.56
CA PRO B 103 3.56 37.12 -38.65
C PRO B 103 3.09 37.56 -37.28
N PRO B 104 2.17 38.52 -37.22
CA PRO B 104 1.63 38.92 -35.92
C PRO B 104 0.89 37.77 -35.26
N ALA B 105 1.01 37.68 -33.95
CA ALA B 105 0.31 36.67 -33.16
C ALA B 105 -0.87 37.32 -32.48
N CYS B 106 -2.06 36.77 -32.69
CA CYS B 106 -3.29 37.43 -32.26
C CYS B 106 -3.36 37.53 -30.73
N PRO B 107 -4.10 38.51 -30.21
CA PRO B 107 -3.72 39.16 -28.96
C PRO B 107 -3.63 38.22 -27.77
N GLN B 108 -2.61 38.45 -26.95
CA GLN B 108 -2.38 37.74 -25.71
C GLN B 108 -2.01 38.77 -24.65
N ASN B 109 -1.72 38.29 -23.44
CA ASN B 109 -1.28 39.18 -22.36
C ASN B 109 -0.46 38.35 -21.38
N LEU B 110 0.87 38.46 -21.49
CA LEU B 110 1.76 37.66 -20.65
C LEU B 110 1.90 38.21 -19.24
N HIS B 111 1.37 39.39 -18.95
CA HIS B 111 1.26 39.92 -17.59
C HIS B 111 -0.21 39.99 -17.25
N GLY B 112 -0.77 38.87 -16.82
CA GLY B 112 -2.19 38.78 -16.55
C GLY B 112 -2.55 37.88 -15.38
N ALA B 113 -1.58 37.63 -14.50
CA ALA B 113 -1.75 36.71 -13.36
C ALA B 113 -2.22 35.34 -13.84
N LEU B 114 -1.51 34.81 -14.83
CA LEU B 114 -1.89 33.55 -15.45
C LEU B 114 -1.66 32.39 -14.49
N PRO B 115 -2.34 31.26 -14.71
CA PRO B 115 -2.10 30.09 -13.86
C PRO B 115 -0.66 29.61 -13.98
N ALA B 116 -0.11 29.19 -12.84
CA ALA B 116 1.30 28.78 -12.77
C ALA B 116 1.47 27.27 -12.72
N ILE B 117 0.41 26.50 -12.82
CA ILE B 117 0.49 25.04 -12.82
C ILE B 117 0.52 24.48 -14.23
N MET B 118 -0.39 24.95 -15.08
CA MET B 118 -0.49 24.40 -16.44
C MET B 118 0.72 24.75 -17.28
N LEU B 119 1.22 25.98 -17.15
CA LEU B 119 2.31 26.44 -17.98
C LEU B 119 3.60 25.71 -17.63
N PRO B 120 4.52 25.55 -18.59
CA PRO B 120 5.79 24.89 -18.30
C PRO B 120 6.69 25.72 -17.41
N VAL B 121 7.90 25.23 -17.13
CA VAL B 121 8.80 25.93 -16.24
C VAL B 121 9.52 27.06 -16.98
N TRP B 122 10.23 26.72 -18.06
CA TRP B 122 11.03 27.71 -18.77
C TRP B 122 10.18 28.85 -19.29
N PHE B 123 8.88 28.63 -19.49
CA PHE B 123 7.99 29.70 -19.86
C PHE B 123 7.69 30.61 -18.68
N THR B 124 7.66 30.06 -17.47
CA THR B 124 7.33 30.88 -16.29
C THR B 124 8.54 31.65 -15.79
N ASP B 125 9.66 30.95 -15.58
CA ASP B 125 10.83 31.60 -14.99
C ASP B 125 11.36 32.71 -15.88
N ASN B 126 11.77 32.37 -17.11
CA ASN B 126 12.31 33.37 -18.02
C ASN B 126 11.18 34.08 -18.74
N LEU B 127 10.21 34.60 -17.99
CA LEU B 127 9.07 35.25 -18.61
C LEU B 127 9.48 36.54 -19.32
N GLU B 128 10.54 37.19 -18.86
CA GLU B 128 11.00 38.42 -19.50
C GLU B 128 11.52 38.17 -20.90
N ALA B 129 12.11 37.00 -21.14
CA ALA B 129 12.56 36.68 -22.50
C ALA B 129 11.40 36.32 -23.40
N ALA B 130 10.42 35.57 -22.88
CA ALA B 130 9.28 35.18 -23.70
C ALA B 130 8.39 36.38 -24.02
N ALA B 131 8.34 37.37 -23.13
CA ALA B 131 7.47 38.52 -23.34
C ALA B 131 7.96 39.41 -24.47
N THR B 132 9.25 39.37 -24.80
CA THR B 132 9.81 40.16 -25.88
C THR B 132 9.73 39.47 -27.22
N TYR B 133 8.81 38.52 -27.37
CA TYR B 133 8.80 37.66 -28.55
C TYR B 133 7.49 37.74 -29.32
N VAL B 134 6.41 38.21 -28.70
CA VAL B 134 5.09 38.29 -29.31
C VAL B 134 4.62 39.73 -29.34
N GLN B 135 5.57 40.66 -29.52
CA GLN B 135 5.31 42.08 -29.30
C GLN B 135 4.16 42.60 -30.17
N ASN B 136 4.17 42.25 -31.45
CA ASN B 136 3.18 42.76 -32.40
C ASN B 136 1.98 41.82 -32.45
N GLN B 137 0.83 42.30 -31.98
CA GLN B 137 -0.38 41.50 -31.92
C GLN B 137 -1.52 42.24 -32.62
N SER B 138 -2.36 41.47 -33.30
CA SER B 138 -3.51 42.02 -34.01
C SER B 138 -4.53 40.92 -34.22
N GLU B 139 -5.80 41.31 -34.28
CA GLU B 139 -6.92 40.41 -34.51
C GLU B 139 -6.62 39.44 -35.66
N ASP B 140 -5.97 39.94 -36.71
CA ASP B 140 -5.55 39.12 -37.83
C ASP B 140 -4.36 38.26 -37.41
N CYS B 141 -4.59 36.95 -37.25
CA CYS B 141 -3.50 36.03 -36.95
C CYS B 141 -3.60 34.70 -37.70
N LEU B 142 -4.55 34.54 -38.62
CA LEU B 142 -4.78 33.26 -39.28
C LEU B 142 -3.75 32.98 -40.37
N TYR B 143 -2.49 32.81 -39.98
CA TYR B 143 -1.43 32.40 -40.90
C TYR B 143 -0.75 31.16 -40.32
N LEU B 144 0.23 30.65 -41.05
CA LEU B 144 0.96 29.48 -40.58
C LEU B 144 2.34 29.47 -41.22
N ASN B 145 3.35 29.15 -40.42
CA ASN B 145 4.70 29.01 -40.93
C ASN B 145 4.85 27.66 -41.62
N LEU B 146 5.98 27.49 -42.30
CA LEU B 146 6.36 26.21 -42.89
C LEU B 146 7.88 26.13 -42.88
N TYR B 147 8.39 24.92 -43.13
CA TYR B 147 9.82 24.70 -43.29
C TYR B 147 10.00 23.54 -44.25
N VAL B 148 10.38 23.84 -45.49
CA VAL B 148 10.64 22.83 -46.50
C VAL B 148 12.14 22.54 -46.47
N PRO B 149 12.55 21.28 -46.27
CA PRO B 149 13.97 20.91 -46.33
C PRO B 149 14.43 20.62 -47.75
N GLY B 175 9.04 14.69 -52.34
CA GLY B 175 7.89 14.71 -53.23
C GLY B 175 6.57 14.62 -52.49
N LYS B 176 6.48 13.67 -51.56
CA LYS B 176 5.31 13.44 -50.72
C LYS B 176 5.71 13.33 -49.27
N LYS B 177 6.49 14.30 -48.80
CA LYS B 177 7.08 14.22 -47.48
C LYS B 177 6.02 14.38 -46.39
N PRO B 178 6.23 13.80 -45.21
CA PRO B 178 5.23 13.91 -44.14
C PRO B 178 5.16 15.31 -43.56
N VAL B 179 3.98 15.64 -43.04
CA VAL B 179 3.71 16.92 -42.39
C VAL B 179 3.61 16.70 -40.89
N MET B 180 4.03 17.69 -40.11
CA MET B 180 4.14 17.55 -38.65
C MET B 180 3.52 18.77 -37.96
N LEU B 181 2.29 19.09 -38.34
CA LEU B 181 1.57 20.22 -37.75
C LEU B 181 1.68 20.21 -36.23
N PHE B 182 2.21 21.30 -35.69
CA PHE B 182 2.49 21.45 -34.26
C PHE B 182 1.49 22.43 -33.66
N LEU B 183 0.61 21.92 -32.81
CA LEU B 183 -0.38 22.72 -32.12
C LEU B 183 0.22 23.15 -30.78
N HIS B 184 0.68 24.39 -30.71
CA HIS B 184 1.50 24.82 -29.58
C HIS B 184 0.70 24.78 -28.28
N GLY B 185 1.41 24.54 -27.19
CA GLY B 185 0.80 24.26 -25.91
C GLY B 185 0.30 25.47 -25.15
N GLY B 186 0.53 25.47 -23.84
CA GLY B 186 0.03 26.52 -22.99
C GLY B 186 -1.25 26.11 -22.28
N SER B 187 -1.96 27.12 -21.79
CA SER B 187 -3.20 26.93 -21.07
C SER B 187 -4.41 27.43 -21.85
N TYR B 188 -4.26 27.58 -23.16
CA TYR B 188 -5.25 28.11 -24.10
C TYR B 188 -5.36 29.63 -23.99
N MET B 189 -4.45 30.27 -23.25
CA MET B 189 -4.42 31.72 -23.11
C MET B 189 -3.31 32.39 -23.91
N GLU B 190 -2.15 31.79 -24.03
CA GLU B 190 -1.06 32.41 -24.77
C GLU B 190 -0.19 31.33 -25.40
N GLY B 191 0.86 31.76 -26.08
CA GLY B 191 1.70 30.92 -26.89
C GLY B 191 1.69 31.37 -28.33
N THR B 192 2.52 30.71 -29.13
CA THR B 192 2.63 30.99 -30.56
C THR B 192 3.61 30.00 -31.16
N GLY B 193 3.54 29.86 -32.49
CA GLY B 193 4.54 29.07 -33.17
C GLY B 193 5.82 29.81 -33.48
N ASN B 194 5.86 31.11 -33.20
CA ASN B 194 7.06 31.89 -33.50
C ASN B 194 8.21 31.49 -32.59
N MET B 195 7.92 31.15 -31.34
CA MET B 195 8.96 30.81 -30.37
C MET B 195 9.39 29.35 -30.46
N PHE B 196 8.76 28.56 -31.32
CA PHE B 196 9.10 27.16 -31.49
C PHE B 196 9.64 26.93 -32.89
N ASP B 197 10.51 27.82 -33.33
CA ASP B 197 11.04 27.80 -34.69
C ASP B 197 11.93 26.57 -34.85
N GLY B 198 11.34 25.49 -35.33
CA GLY B 198 12.11 24.28 -35.52
C GLY B 198 12.55 24.11 -36.96
N SER B 199 13.79 24.51 -37.23
CA SER B 199 14.44 24.22 -38.50
C SER B 199 15.43 23.08 -38.40
N VAL B 200 16.07 22.94 -37.23
CA VAL B 200 16.92 21.79 -36.96
C VAL B 200 16.10 20.52 -37.05
N LEU B 201 14.94 20.50 -36.39
CA LEU B 201 14.01 19.38 -36.52
C LEU B 201 13.53 19.22 -37.95
N ALA B 202 13.47 20.32 -38.71
CA ALA B 202 13.00 20.24 -40.09
C ALA B 202 14.02 19.55 -40.99
N ALA B 203 15.31 19.78 -40.73
CA ALA B 203 16.36 19.29 -41.62
C ALA B 203 17.00 17.99 -41.16
N TYR B 204 17.01 17.70 -39.86
CA TYR B 204 17.60 16.46 -39.37
C TYR B 204 16.84 15.26 -39.91
N GLY B 205 15.58 15.13 -39.53
CA GLY B 205 14.81 14.00 -39.97
C GLY B 205 14.23 14.13 -41.36
N ASN B 206 14.47 15.26 -42.01
CA ASN B 206 14.00 15.51 -43.36
C ASN B 206 12.48 15.43 -43.45
N VAL B 207 11.82 16.31 -42.67
CA VAL B 207 10.37 16.40 -42.62
C VAL B 207 9.97 17.87 -42.73
N ILE B 208 8.67 18.10 -42.85
CA ILE B 208 8.09 19.44 -43.00
C ILE B 208 7.37 19.80 -41.71
N VAL B 209 7.72 20.95 -41.14
CA VAL B 209 7.08 21.46 -39.94
C VAL B 209 6.08 22.52 -40.34
N ALA B 210 5.12 22.80 -39.44
CA ALA B 210 4.12 23.83 -39.67
C ALA B 210 3.60 24.30 -38.33
N THR B 211 3.96 25.50 -37.91
CA THR B 211 3.57 26.05 -36.61
C THR B 211 2.58 27.18 -36.85
N LEU B 212 1.29 26.84 -36.87
CA LEU B 212 0.25 27.79 -37.24
C LEU B 212 -0.07 28.72 -36.06
N ASN B 213 -1.09 29.55 -36.25
CA ASN B 213 -1.70 30.34 -35.19
C ASN B 213 -3.20 30.20 -35.31
N TYR B 214 -3.88 30.20 -34.18
CA TYR B 214 -5.33 30.03 -34.18
C TYR B 214 -5.93 30.89 -33.08
N ARG B 215 -7.25 31.04 -33.15
CA ARG B 215 -7.97 31.88 -32.20
C ARG B 215 -7.82 31.31 -30.80
N LEU B 216 -7.00 31.95 -29.97
CA LEU B 216 -6.74 31.48 -28.62
C LEU B 216 -6.95 32.61 -27.64
N GLY B 217 -7.48 32.29 -26.46
CA GLY B 217 -7.72 33.29 -25.45
C GLY B 217 -9.20 33.51 -25.23
N VAL B 218 -9.61 34.77 -25.14
CA VAL B 218 -11.03 35.07 -24.94
C VAL B 218 -11.81 34.77 -26.22
N LEU B 219 -11.48 35.46 -27.31
CA LEU B 219 -12.23 35.27 -28.55
C LEU B 219 -11.73 34.05 -29.33
N GLY B 220 -11.56 32.93 -28.65
CA GLY B 220 -11.01 31.77 -29.33
C GLY B 220 -11.84 30.51 -29.37
N PHE B 221 -12.63 30.24 -28.33
CA PHE B 221 -13.27 28.94 -28.19
C PHE B 221 -14.70 29.11 -27.70
N LEU B 222 -15.44 30.01 -28.31
CA LEU B 222 -16.68 30.50 -27.72
C LEU B 222 -17.81 29.47 -27.76
N SER B 223 -18.64 29.54 -26.72
CA SER B 223 -19.90 28.82 -26.59
C SER B 223 -20.60 29.39 -25.36
N THR B 224 -21.92 29.36 -25.35
CA THR B 224 -22.68 29.98 -24.26
C THR B 224 -23.81 29.10 -23.73
N GLY B 225 -24.31 28.16 -24.51
CA GLY B 225 -25.52 27.44 -24.20
C GLY B 225 -26.70 27.82 -25.06
N ASP B 226 -26.68 29.02 -25.64
CA ASP B 226 -27.67 29.44 -26.62
C ASP B 226 -27.15 29.14 -28.02
N GLN B 227 -27.84 29.66 -29.03
CA GLN B 227 -27.41 29.52 -30.41
C GLN B 227 -26.45 30.63 -30.86
N ALA B 228 -26.31 31.69 -30.06
CA ALA B 228 -25.45 32.81 -30.45
C ALA B 228 -23.98 32.45 -30.45
N ALA B 229 -23.59 31.31 -29.88
CA ALA B 229 -22.19 30.88 -29.84
C ALA B 229 -22.18 29.36 -29.99
N LYS B 230 -22.03 28.89 -31.21
CA LYS B 230 -22.09 27.47 -31.55
C LYS B 230 -20.68 26.88 -31.47
N GLY B 231 -20.48 25.70 -32.06
CA GLY B 231 -19.27 24.90 -31.93
C GLY B 231 -17.96 25.67 -31.91
N ASN B 232 -17.03 25.17 -31.09
CA ASN B 232 -15.83 25.89 -30.70
C ASN B 232 -14.98 26.27 -31.90
N TYR B 233 -14.88 27.58 -32.16
CA TYR B 233 -14.33 28.06 -33.42
C TYR B 233 -12.83 27.81 -33.51
N GLY B 234 -12.17 27.56 -32.40
CA GLY B 234 -10.73 27.28 -32.45
C GLY B 234 -10.41 25.93 -33.05
N LEU B 235 -11.14 24.89 -32.63
CA LEU B 235 -10.86 23.55 -33.12
C LEU B 235 -11.13 23.45 -34.61
N LEU B 236 -12.31 23.84 -35.05
CA LEU B 236 -12.61 23.89 -36.47
C LEU B 236 -11.82 24.99 -37.19
N ASP B 237 -11.31 25.98 -36.47
CA ASP B 237 -10.37 26.93 -37.04
C ASP B 237 -9.09 26.24 -37.49
N GLN B 238 -8.49 25.44 -36.62
CA GLN B 238 -7.31 24.67 -36.99
C GLN B 238 -7.65 23.44 -37.80
N ILE B 239 -8.94 23.12 -37.94
CA ILE B 239 -9.37 22.16 -38.96
C ILE B 239 -9.41 22.80 -40.35
N GLN B 240 -9.75 24.08 -40.44
CA GLN B 240 -9.62 24.78 -41.72
C GLN B 240 -8.20 24.68 -42.25
N ALA B 241 -7.21 24.87 -41.38
CA ALA B 241 -5.83 24.66 -41.76
C ALA B 241 -5.51 23.20 -42.03
N LEU B 242 -6.11 22.26 -41.30
CA LEU B 242 -5.93 20.85 -41.61
C LEU B 242 -6.41 20.52 -43.02
N ARG B 243 -7.48 21.17 -43.48
CA ARG B 243 -7.94 21.04 -44.86
C ARG B 243 -7.01 21.71 -45.85
N TRP B 244 -6.64 22.98 -45.59
CA TRP B 244 -5.71 23.68 -46.46
C TRP B 244 -4.45 22.87 -46.70
N LEU B 245 -3.82 22.39 -45.63
CA LEU B 245 -2.66 21.53 -45.78
C LEU B 245 -3.01 20.21 -46.46
N SER B 246 -4.28 19.84 -46.51
CA SER B 246 -4.68 18.58 -47.13
C SER B 246 -5.05 18.72 -48.60
N GLU B 247 -5.26 19.94 -49.08
CA GLU B 247 -5.69 20.18 -50.46
C GLU B 247 -4.85 21.22 -51.18
N ASN B 248 -3.72 21.63 -50.61
CA ASN B 248 -2.81 22.54 -51.28
C ASN B 248 -1.34 22.17 -51.12
N ILE B 249 -1.02 21.03 -50.51
CA ILE B 249 0.36 20.74 -50.12
C ILE B 249 1.15 20.04 -51.23
N ALA B 250 0.48 19.53 -52.26
CA ALA B 250 1.18 18.87 -53.34
C ALA B 250 2.18 19.82 -54.02
N HIS B 251 1.81 21.09 -54.13
CA HIS B 251 2.73 22.07 -54.70
C HIS B 251 3.96 22.27 -53.84
N PHE B 252 3.84 22.06 -52.53
CA PHE B 252 4.96 22.24 -51.60
C PHE B 252 5.78 20.98 -51.42
N GLY B 253 5.35 19.85 -51.96
CA GLY B 253 6.08 18.61 -51.83
C GLY B 253 5.64 17.73 -50.68
N GLY B 254 4.50 18.02 -50.05
CA GLY B 254 4.01 17.21 -48.96
C GLY B 254 3.05 16.13 -49.41
N ASP B 255 2.70 15.26 -48.47
CA ASP B 255 1.73 14.20 -48.71
C ASP B 255 0.45 14.52 -47.96
N PRO B 256 -0.67 14.79 -48.65
CA PRO B 256 -1.93 15.05 -47.94
C PRO B 256 -2.48 13.86 -47.18
N GLU B 257 -1.85 12.68 -47.29
CA GLU B 257 -2.31 11.47 -46.63
C GLU B 257 -1.42 11.06 -45.47
N ARG B 258 -0.55 11.95 -44.99
CA ARG B 258 0.36 11.60 -43.90
C ARG B 258 0.44 12.71 -42.86
N ILE B 259 -0.63 13.48 -42.67
CA ILE B 259 -0.61 14.53 -41.67
C ILE B 259 -0.65 13.90 -40.29
N THR B 260 0.29 14.32 -39.42
CA THR B 260 0.48 13.75 -38.09
C THR B 260 0.51 14.90 -37.09
N ILE B 261 -0.66 15.28 -36.59
CA ILE B 261 -0.72 16.34 -35.59
C ILE B 261 0.06 15.91 -34.36
N PHE B 262 0.80 16.85 -33.79
CA PHE B 262 1.50 16.59 -32.53
C PHE B 262 1.59 17.89 -31.74
N GLY B 263 1.73 17.76 -30.43
CA GLY B 263 1.76 18.92 -29.56
C GLY B 263 2.08 18.50 -28.14
N SER B 264 2.14 19.49 -27.26
CA SER B 264 2.48 19.27 -25.86
C SER B 264 1.57 20.09 -24.97
N GLY B 265 1.80 19.98 -23.66
CA GLY B 265 1.02 20.72 -22.69
C GLY B 265 -0.46 20.46 -22.81
N ALA B 266 -1.24 21.52 -22.70
CA ALA B 266 -2.67 21.45 -22.95
C ALA B 266 -3.01 21.73 -24.41
N GLY B 267 -2.00 21.86 -25.26
CA GLY B 267 -2.23 21.78 -26.69
C GLY B 267 -2.30 20.37 -27.21
N ALA B 268 -1.83 19.40 -26.42
CA ALA B 268 -2.03 17.99 -26.72
C ALA B 268 -3.36 17.48 -26.21
N SER B 269 -4.02 18.22 -25.33
CA SER B 269 -5.39 17.89 -24.97
C SER B 269 -6.30 17.99 -26.17
N CYS B 270 -6.10 19.01 -27.00
CA CYS B 270 -6.82 19.13 -28.26
C CYS B 270 -6.05 18.50 -29.42
N VAL B 271 -5.59 17.28 -29.20
CA VAL B 271 -5.08 16.42 -30.27
C VAL B 271 -5.85 15.11 -30.18
N ASN B 272 -6.28 14.75 -28.97
CA ASN B 272 -7.25 13.68 -28.82
C ASN B 272 -8.62 14.15 -29.27
N LEU B 273 -8.99 15.38 -28.92
CA LEU B 273 -10.33 15.88 -29.20
C LEU B 273 -10.65 15.85 -30.69
N LEU B 274 -9.64 15.94 -31.54
CA LEU B 274 -9.87 15.92 -32.98
C LEU B 274 -10.13 14.52 -33.51
N ILE B 275 -9.64 13.49 -32.84
CA ILE B 275 -9.84 12.12 -33.31
C ILE B 275 -11.29 11.70 -33.12
N LEU B 276 -11.85 11.99 -31.94
CA LEU B 276 -13.21 11.56 -31.62
C LEU B 276 -14.28 12.30 -32.39
N SER B 277 -13.94 13.37 -33.10
CA SER B 277 -14.91 14.15 -33.84
C SER B 277 -15.11 13.53 -35.23
N HIS B 278 -15.82 14.25 -36.10
CA HIS B 278 -16.14 13.76 -37.45
C HIS B 278 -15.42 14.50 -38.56
N HIS B 279 -15.26 15.82 -38.44
CA HIS B 279 -14.71 16.63 -39.52
C HIS B 279 -13.25 16.31 -39.80
N SER B 280 -12.68 15.40 -39.03
CA SER B 280 -11.27 15.05 -39.12
C SER B 280 -11.01 13.86 -40.05
N GLU B 281 -12.04 13.35 -40.73
CA GLU B 281 -11.98 12.07 -41.43
C GLU B 281 -10.86 12.00 -42.47
N GLY B 282 -10.96 12.79 -43.52
CA GLY B 282 -10.00 12.70 -44.60
C GLY B 282 -8.77 13.56 -44.46
N LEU B 283 -8.52 14.14 -43.28
CA LEU B 283 -7.48 15.13 -43.11
C LEU B 283 -6.16 14.54 -42.65
N PHE B 284 -6.14 13.92 -41.46
CA PHE B 284 -4.89 13.43 -40.88
C PHE B 284 -5.03 11.95 -40.56
N GLN B 285 -3.92 11.34 -40.13
CA GLN B 285 -3.93 9.90 -39.91
C GLN B 285 -3.30 9.46 -38.59
N LYS B 286 -2.57 10.30 -37.88
CA LYS B 286 -1.87 9.85 -36.68
C LYS B 286 -2.01 10.93 -35.60
N ALA B 287 -1.25 10.76 -34.51
CA ALA B 287 -1.32 11.69 -33.40
C ALA B 287 -0.11 11.49 -32.51
N ILE B 288 0.14 12.48 -31.66
CA ILE B 288 1.16 12.43 -30.62
C ILE B 288 0.66 13.26 -29.45
N ALA B 289 0.67 12.67 -28.26
CA ALA B 289 0.11 13.31 -27.08
C ALA B 289 1.20 13.40 -26.01
N GLN B 290 1.93 14.50 -26.01
CA GLN B 290 2.91 14.76 -24.97
C GLN B 290 2.24 15.42 -23.78
N SER B 291 2.21 14.72 -22.64
CA SER B 291 1.88 15.25 -21.33
C SER B 291 0.41 15.64 -21.15
N GLY B 292 -0.44 15.43 -22.16
CA GLY B 292 -1.83 15.85 -22.06
C GLY B 292 -2.77 14.69 -22.32
N THR B 293 -4.05 14.94 -22.05
CA THR B 293 -5.10 13.96 -22.27
C THR B 293 -6.43 14.70 -22.30
N ALA B 294 -7.40 14.10 -23.01
CA ALA B 294 -8.73 14.70 -23.15
C ALA B 294 -9.61 14.49 -21.93
N ILE B 295 -9.19 13.69 -20.95
CA ILE B 295 -10.06 13.31 -19.85
C ILE B 295 -9.49 13.72 -18.49
N SER B 296 -8.75 14.82 -18.45
CA SER B 296 -8.19 15.32 -17.21
C SER B 296 -9.08 16.41 -16.64
N SER B 297 -8.63 17.05 -15.57
CA SER B 297 -9.45 18.03 -14.86
C SER B 297 -9.36 19.44 -15.43
N TRP B 298 -8.50 19.65 -16.44
CA TRP B 298 -8.44 20.95 -17.11
C TRP B 298 -8.41 20.80 -18.63
N SER B 299 -9.11 19.81 -19.18
CA SER B 299 -9.05 19.58 -20.62
C SER B 299 -10.26 20.12 -21.37
N VAL B 300 -11.40 20.27 -20.70
CA VAL B 300 -12.65 20.70 -21.31
C VAL B 300 -13.36 21.63 -20.34
N ASN B 301 -14.11 22.58 -20.88
CA ASN B 301 -14.86 23.54 -20.07
C ASN B 301 -16.29 23.05 -19.85
N TYR B 302 -16.76 23.15 -18.60
CA TYR B 302 -18.06 22.63 -18.21
C TYR B 302 -18.92 23.68 -17.51
N GLN B 303 -18.56 24.95 -17.62
CA GLN B 303 -19.38 26.03 -17.09
C GLN B 303 -19.27 27.27 -17.97
N PRO B 304 -19.54 27.15 -19.28
CA PRO B 304 -19.33 28.32 -20.16
C PRO B 304 -20.16 29.53 -19.77
N LEU B 305 -21.40 29.32 -19.31
CA LEU B 305 -22.32 30.42 -19.11
C LEU B 305 -21.96 31.27 -17.89
N LYS B 306 -21.50 30.64 -16.81
CA LYS B 306 -21.23 31.38 -15.58
C LYS B 306 -20.08 32.36 -15.78
N TYR B 307 -19.08 31.99 -16.57
CA TYR B 307 -17.94 32.86 -16.81
C TYR B 307 -18.14 33.80 -17.99
N THR B 308 -18.83 33.34 -19.05
CA THR B 308 -19.07 34.22 -20.19
C THR B 308 -19.93 35.42 -19.81
N ARG B 309 -20.63 35.34 -18.67
CA ARG B 309 -21.39 36.46 -18.13
C ARG B 309 -20.65 37.14 -16.99
N LEU B 310 -19.32 37.10 -16.99
CA LEU B 310 -18.55 37.72 -15.92
C LEU B 310 -17.49 38.65 -16.47
N LEU B 311 -17.01 38.39 -17.69
CA LEU B 311 -16.24 39.42 -18.38
C LEU B 311 -17.17 40.49 -18.92
N ALA B 312 -18.41 40.12 -19.27
CA ALA B 312 -19.43 41.08 -19.64
C ALA B 312 -19.91 41.89 -18.44
N ALA B 313 -19.50 41.53 -17.23
CA ALA B 313 -19.84 42.31 -16.04
C ALA B 313 -18.77 43.33 -15.68
N LYS B 314 -17.70 43.44 -16.48
CA LYS B 314 -16.69 44.47 -16.30
C LYS B 314 -16.50 45.35 -17.52
N VAL B 315 -17.00 44.93 -18.68
CA VAL B 315 -17.04 45.78 -19.87
C VAL B 315 -18.47 46.20 -20.19
N GLY B 316 -19.44 45.33 -19.90
CA GLY B 316 -20.86 45.62 -19.97
C GLY B 316 -21.56 45.03 -21.18
N CYS B 317 -22.09 43.82 -21.01
CA CYS B 317 -23.12 43.27 -21.88
C CYS B 317 -24.12 42.39 -21.16
N ASP B 318 -24.11 42.33 -19.83
CA ASP B 318 -24.92 41.36 -19.10
C ASP B 318 -26.39 41.79 -19.08
N ARG B 319 -26.93 41.92 -20.28
CA ARG B 319 -28.38 42.03 -20.42
C ARG B 319 -29.02 40.72 -20.02
N GLU B 320 -30.05 40.79 -19.18
CA GLU B 320 -30.67 39.57 -18.67
C GLU B 320 -31.33 38.74 -19.76
N ASP B 321 -31.54 39.31 -20.95
CA ASP B 321 -31.87 38.51 -22.11
C ASP B 321 -30.69 37.61 -22.46
N SER B 322 -30.96 36.33 -22.69
CA SER B 322 -29.88 35.35 -22.83
C SER B 322 -28.98 35.68 -24.00
N ALA B 323 -29.55 35.91 -25.17
CA ALA B 323 -28.77 36.15 -26.39
C ALA B 323 -28.57 37.64 -26.65
N GLU B 324 -28.03 38.35 -25.66
CA GLU B 324 -27.75 39.79 -25.78
C GLU B 324 -26.35 40.09 -25.28
N ALA B 325 -25.39 39.29 -25.71
CA ALA B 325 -23.98 39.53 -25.39
C ALA B 325 -23.09 39.56 -26.62
N VAL B 326 -23.40 38.75 -27.63
CA VAL B 326 -22.60 38.76 -28.86
C VAL B 326 -22.75 40.08 -29.59
N GLU B 327 -23.97 40.62 -29.63
CA GLU B 327 -24.29 41.78 -30.45
C GLU B 327 -23.93 43.10 -29.78
N CYS B 328 -23.06 43.08 -28.78
CA CYS B 328 -22.44 44.30 -28.25
C CYS B 328 -20.93 44.11 -28.15
N LEU B 329 -20.50 42.88 -27.88
CA LEU B 329 -19.08 42.57 -27.82
C LEU B 329 -18.47 42.48 -29.20
N ARG B 330 -19.25 42.11 -30.22
CA ARG B 330 -18.69 41.89 -31.54
C ARG B 330 -18.12 43.16 -32.15
N ARG B 331 -18.47 44.33 -31.62
CA ARG B 331 -17.81 45.57 -32.00
C ARG B 331 -16.75 46.01 -31.01
N LYS B 332 -16.71 45.42 -29.83
CA LYS B 332 -15.69 45.80 -28.85
C LYS B 332 -14.30 45.47 -29.39
N PRO B 333 -13.32 46.35 -29.22
CA PRO B 333 -11.99 46.09 -29.75
C PRO B 333 -11.33 44.89 -29.08
N SER B 334 -10.45 44.24 -29.84
CA SER B 334 -9.82 43.01 -29.39
C SER B 334 -8.89 43.22 -28.19
N ARG B 335 -8.37 44.43 -28.00
CA ARG B 335 -7.41 44.65 -26.92
C ARG B 335 -8.07 44.79 -25.56
N GLU B 336 -9.26 45.37 -25.49
CA GLU B 336 -9.96 45.44 -24.22
C GLU B 336 -10.57 44.09 -23.86
N LEU B 337 -11.01 43.32 -24.86
CA LEU B 337 -11.68 42.05 -24.63
C LEU B 337 -10.72 40.94 -24.18
N VAL B 338 -9.42 41.18 -24.18
CA VAL B 338 -8.46 40.18 -23.74
C VAL B 338 -7.74 40.63 -22.45
N ASP B 339 -8.34 41.55 -21.71
CA ASP B 339 -7.77 42.10 -20.49
C ASP B 339 -8.76 42.03 -19.34
N GLN B 340 -9.37 40.86 -19.17
CA GLN B 340 -10.32 40.61 -18.08
C GLN B 340 -9.79 39.49 -17.21
N ASP B 341 -9.97 39.63 -15.89
CA ASP B 341 -9.49 38.65 -14.93
C ASP B 341 -10.53 37.52 -14.78
N VAL B 342 -10.62 36.73 -15.84
CA VAL B 342 -11.43 35.51 -15.78
C VAL B 342 -10.61 34.44 -15.08
N GLN B 343 -10.73 34.38 -13.76
CA GLN B 343 -9.92 33.49 -12.95
C GLN B 343 -10.67 32.18 -12.76
N PRO B 344 -10.22 31.08 -13.33
CA PRO B 344 -10.95 29.82 -13.22
C PRO B 344 -10.82 29.22 -11.83
N ALA B 345 -11.67 28.24 -11.56
CA ALA B 345 -11.53 27.45 -10.35
C ALA B 345 -10.22 26.67 -10.38
N ARG B 346 -9.73 26.32 -9.19
CA ARG B 346 -8.43 25.65 -9.08
C ARG B 346 -8.40 24.40 -9.94
N TYR B 347 -7.33 24.27 -10.74
CA TYR B 347 -7.08 23.16 -11.64
C TYR B 347 -8.11 23.04 -12.76
N HIS B 348 -9.06 23.97 -12.87
CA HIS B 348 -10.00 24.04 -13.99
C HIS B 348 -9.62 25.22 -14.89
N ILE B 349 -10.19 25.22 -16.10
CA ILE B 349 -9.89 26.30 -17.05
C ILE B 349 -11.15 27.10 -17.31
N ALA B 350 -11.02 28.13 -18.13
CA ALA B 350 -12.13 29.03 -18.44
C ALA B 350 -12.54 29.03 -19.91
N PHE B 351 -11.57 29.00 -20.83
CA PHE B 351 -11.85 29.09 -22.26
C PHE B 351 -11.17 27.94 -22.99
N GLY B 352 -11.87 26.82 -23.11
CA GLY B 352 -11.37 25.67 -23.81
C GLY B 352 -12.48 25.02 -24.60
N PRO B 353 -12.17 23.92 -25.30
CA PRO B 353 -13.20 23.24 -26.09
C PRO B 353 -14.36 22.79 -25.21
N VAL B 354 -15.57 22.90 -25.75
CA VAL B 354 -16.79 22.62 -24.99
C VAL B 354 -17.64 21.67 -25.82
N VAL B 355 -18.51 20.92 -25.14
CA VAL B 355 -19.40 19.98 -25.79
C VAL B 355 -20.64 20.72 -26.31
N ASP B 356 -20.83 20.68 -27.62
CA ASP B 356 -22.00 21.31 -28.26
C ASP B 356 -22.75 20.36 -29.18
N GLY B 357 -22.07 19.49 -29.91
CA GLY B 357 -22.74 18.51 -30.72
C GLY B 357 -22.17 18.26 -32.11
N ASP B 358 -21.50 19.26 -32.67
CA ASP B 358 -21.03 19.16 -34.05
C ASP B 358 -19.56 18.76 -34.15
N VAL B 359 -18.73 19.14 -33.19
CA VAL B 359 -17.33 18.78 -33.21
C VAL B 359 -16.99 18.06 -31.90
N VAL B 360 -17.83 18.22 -30.90
CA VAL B 360 -17.74 17.45 -29.67
C VAL B 360 -19.15 16.94 -29.37
N PRO B 361 -19.61 15.90 -30.05
CA PRO B 361 -20.98 15.41 -29.81
C PRO B 361 -21.22 14.99 -28.38
N ASP B 362 -20.41 14.06 -27.88
CA ASP B 362 -20.51 13.57 -26.51
C ASP B 362 -19.14 13.58 -25.87
N ASP B 363 -19.13 13.80 -24.56
CA ASP B 363 -17.91 13.89 -23.75
C ASP B 363 -16.99 12.73 -24.04
N PRO B 364 -15.66 12.93 -24.01
CA PRO B 364 -14.74 11.79 -24.16
C PRO B 364 -14.84 10.81 -23.02
N GLU B 365 -15.51 11.16 -21.92
CA GLU B 365 -15.83 10.16 -20.90
C GLU B 365 -16.66 9.04 -21.49
N ILE B 366 -17.71 9.38 -22.24
CA ILE B 366 -18.61 8.40 -22.83
C ILE B 366 -18.17 8.06 -24.25
N LEU B 367 -18.09 9.09 -25.11
CA LEU B 367 -17.79 8.90 -26.52
C LEU B 367 -16.60 7.99 -26.77
N MET B 368 -15.62 7.97 -25.86
CA MET B 368 -14.46 7.10 -26.06
C MET B 368 -14.81 5.65 -25.78
N GLN B 369 -15.84 5.39 -24.97
CA GLN B 369 -16.23 4.03 -24.65
C GLN B 369 -16.84 3.33 -25.87
N GLN B 370 -17.91 3.92 -26.42
CA GLN B 370 -18.39 3.47 -27.72
C GLN B 370 -17.30 3.73 -28.76
N GLY B 371 -16.88 2.67 -29.45
CA GLY B 371 -15.69 2.75 -30.26
C GLY B 371 -15.84 3.41 -31.60
N GLU B 372 -16.54 4.55 -31.66
CA GLU B 372 -16.77 5.20 -32.93
C GLU B 372 -15.52 5.88 -33.49
N PHE B 373 -14.46 6.01 -32.71
CA PHE B 373 -13.22 6.54 -33.25
C PHE B 373 -12.49 5.46 -34.04
N LEU B 374 -11.89 5.87 -35.15
CA LEU B 374 -11.24 4.93 -36.06
C LEU B 374 -9.92 4.46 -35.45
N ASN B 375 -9.15 3.71 -36.24
CA ASN B 375 -7.88 3.15 -35.78
C ASN B 375 -6.74 4.07 -36.21
N TYR B 376 -6.53 5.11 -35.40
CA TYR B 376 -5.30 5.89 -35.46
C TYR B 376 -4.30 5.24 -34.51
N ASP B 377 -3.16 5.91 -34.29
CA ASP B 377 -2.12 5.37 -33.41
C ASP B 377 -1.57 6.44 -32.47
N MET B 378 -2.24 6.61 -31.33
CA MET B 378 -1.84 7.58 -30.32
C MET B 378 -0.54 7.15 -29.65
N LEU B 379 0.24 8.16 -29.24
CA LEU B 379 1.47 7.96 -28.49
C LEU B 379 1.40 8.85 -27.24
N ILE B 380 1.16 8.23 -26.11
CA ILE B 380 1.04 8.93 -24.85
C ILE B 380 2.43 9.01 -24.21
N GLY B 381 2.62 9.96 -23.31
CA GLY B 381 3.89 10.09 -22.62
C GLY B 381 3.72 10.94 -21.38
N VAL B 382 4.66 10.77 -20.45
CA VAL B 382 4.62 11.48 -19.18
C VAL B 382 6.04 11.76 -18.69
N ASN B 383 6.33 13.03 -18.43
CA ASN B 383 7.62 13.40 -17.88
C ASN B 383 7.66 12.96 -16.42
N GLN B 384 8.63 12.11 -16.08
CA GLN B 384 8.67 11.60 -14.71
C GLN B 384 9.08 12.72 -13.79
N GLY B 385 8.13 13.18 -12.97
CA GLY B 385 8.39 14.25 -12.04
C GLY B 385 7.94 15.55 -12.66
N GLU B 386 6.76 16.03 -12.27
CA GLU B 386 6.21 17.26 -12.84
C GLU B 386 5.06 17.70 -11.96
N GLY B 387 5.10 18.94 -11.53
CA GLY B 387 4.25 19.38 -10.45
C GLY B 387 5.10 20.05 -9.39
N LEU B 388 6.35 20.34 -9.75
CA LEU B 388 7.28 21.02 -8.86
C LEU B 388 6.73 22.36 -8.36
N LYS B 389 5.63 22.84 -8.94
CA LYS B 389 4.94 24.01 -8.44
C LYS B 389 3.69 23.63 -7.68
N PHE B 390 3.67 22.42 -7.11
CA PHE B 390 2.68 22.05 -6.11
C PHE B 390 3.17 22.29 -4.69
N VAL B 391 4.47 22.09 -4.43
CA VAL B 391 5.07 22.37 -3.14
C VAL B 391 6.35 23.16 -3.38
N GLU B 392 6.25 24.48 -3.36
CA GLU B 392 7.40 25.38 -3.41
C GLU B 392 6.89 26.82 -3.27
N VAL B 401 6.43 20.34 5.35
CA VAL B 401 7.46 19.40 5.78
C VAL B 401 7.16 18.91 7.19
N SER B 402 6.21 19.57 7.86
CA SER B 402 5.85 19.24 9.22
C SER B 402 4.88 18.06 9.23
N ALA B 403 4.30 17.77 10.38
CA ALA B 403 3.24 16.78 10.49
C ALA B 403 1.86 17.41 10.41
N SER B 404 1.78 18.74 10.29
CA SER B 404 0.53 19.43 10.03
C SER B 404 0.63 20.38 8.85
N ALA B 405 1.77 20.40 8.16
CA ALA B 405 1.88 21.01 6.84
C ALA B 405 1.50 20.01 5.76
N PHE B 406 2.06 18.81 5.83
CA PHE B 406 1.66 17.70 4.98
C PHE B 406 0.23 17.26 5.24
N ASP B 407 -0.35 17.65 6.37
CA ASP B 407 -1.74 17.38 6.68
C ASP B 407 -2.63 18.55 6.25
N PHE B 408 -2.04 19.57 5.63
CA PHE B 408 -2.78 20.75 5.20
C PHE B 408 -2.95 20.85 3.70
N THR B 409 -2.00 20.36 2.92
CA THR B 409 -2.20 20.27 1.47
C THR B 409 -3.18 19.17 1.11
N VAL B 410 -3.21 18.10 1.90
CA VAL B 410 -3.96 16.91 1.55
C VAL B 410 -5.39 16.98 2.09
N SER B 411 -5.82 18.17 2.49
CA SER B 411 -7.22 18.43 2.78
C SER B 411 -7.84 19.38 1.77
N ASN B 412 -7.24 20.54 1.53
CA ASN B 412 -7.74 21.43 0.51
C ASN B 412 -7.53 20.87 -0.90
N PHE B 413 -6.49 20.04 -1.10
CA PHE B 413 -6.36 19.37 -2.39
C PHE B 413 -7.54 18.46 -2.64
N VAL B 414 -7.93 17.66 -1.64
CA VAL B 414 -9.05 16.74 -1.82
C VAL B 414 -10.34 17.52 -1.99
N ASP B 415 -10.52 18.60 -1.21
CA ASP B 415 -11.73 19.41 -1.35
C ASP B 415 -11.83 20.02 -2.74
N ASN B 416 -10.70 20.52 -3.28
CA ASN B 416 -10.73 21.30 -4.50
C ASN B 416 -11.01 20.46 -5.74
N LEU B 417 -10.61 19.20 -5.74
CA LEU B 417 -10.46 18.43 -6.98
C LEU B 417 -11.11 17.05 -6.82
N TYR B 418 -12.36 17.02 -6.38
CA TYR B 418 -13.04 15.74 -6.22
C TYR B 418 -14.50 15.76 -6.67
N GLY B 419 -14.96 16.82 -7.33
CA GLY B 419 -16.35 16.90 -7.74
C GLY B 419 -17.32 17.22 -6.62
N TYR B 420 -16.84 17.36 -5.39
CA TYR B 420 -17.58 17.79 -4.22
C TYR B 420 -18.76 16.88 -3.86
N PRO B 421 -18.56 15.55 -3.69
CA PRO B 421 -19.62 14.73 -3.12
C PRO B 421 -19.50 14.61 -1.60
N GLU B 422 -20.38 13.82 -0.99
CA GLU B 422 -20.36 13.57 0.45
C GLU B 422 -19.78 12.20 0.73
N GLY B 423 -18.97 12.11 1.78
CA GLY B 423 -18.26 10.88 2.10
C GLY B 423 -16.76 11.07 1.99
N LYS B 424 -16.32 12.29 2.26
CA LYS B 424 -14.92 12.67 2.07
C LYS B 424 -14.02 12.15 3.17
N ASP B 425 -14.52 12.09 4.41
CA ASP B 425 -13.64 11.94 5.57
C ASP B 425 -12.85 10.63 5.56
N VAL B 426 -13.21 9.67 4.72
CA VAL B 426 -12.44 8.42 4.65
C VAL B 426 -11.32 8.55 3.63
N LEU B 427 -11.59 9.23 2.51
CA LEU B 427 -10.64 9.32 1.41
C LEU B 427 -9.40 10.12 1.78
N ARG B 428 -9.55 11.21 2.53
CA ARG B 428 -8.37 11.96 2.95
C ARG B 428 -7.41 11.08 3.74
N GLU B 429 -7.94 10.31 4.68
CA GLU B 429 -7.09 9.49 5.52
C GLU B 429 -6.51 8.31 4.75
N THR B 430 -7.27 7.73 3.81
CA THR B 430 -6.71 6.68 2.99
C THR B 430 -5.54 7.19 2.15
N ILE B 431 -5.69 8.38 1.55
CA ILE B 431 -4.60 8.97 0.79
C ILE B 431 -3.41 9.24 1.69
N LYS B 432 -3.66 9.82 2.86
CA LYS B 432 -2.60 10.15 3.80
C LYS B 432 -1.85 8.91 4.26
N PHE B 433 -2.53 7.75 4.33
CA PHE B 433 -1.84 6.51 4.65
C PHE B 433 -1.05 5.96 3.47
N MET B 434 -1.59 6.09 2.24
CA MET B 434 -0.94 5.42 1.12
C MET B 434 0.35 6.09 0.71
N TYR B 435 0.43 7.42 0.79
CA TYR B 435 1.60 8.16 0.33
C TYR B 435 2.56 8.48 1.47
N THR B 436 2.46 7.77 2.59
CA THR B 436 3.46 7.83 3.65
C THR B 436 4.47 6.70 3.42
N ASP B 437 5.62 6.82 4.09
CA ASP B 437 6.65 5.77 4.06
C ASP B 437 6.89 5.37 5.51
N TRP B 438 6.11 4.38 5.98
CA TRP B 438 6.10 4.04 7.40
C TRP B 438 7.43 3.49 7.89
N ALA B 439 8.29 3.01 6.98
CA ALA B 439 9.59 2.52 7.40
C ALA B 439 10.41 3.62 8.07
N ASP B 440 10.41 4.82 7.48
CA ASP B 440 11.05 6.00 8.06
C ASP B 440 10.09 7.19 7.91
N ARG B 441 9.21 7.34 8.90
CA ARG B 441 8.21 8.40 8.85
C ARG B 441 8.81 9.76 9.21
N ASP B 442 9.75 9.77 10.16
CA ASP B 442 10.11 11.00 10.85
C ASP B 442 10.71 12.05 9.92
N ASN B 443 11.58 11.64 9.01
CA ASN B 443 12.39 12.61 8.26
C ASN B 443 11.52 13.53 7.43
N GLY B 444 12.00 14.75 7.22
CA GLY B 444 11.27 15.78 6.52
C GLY B 444 11.38 15.75 5.01
N GLU B 445 12.10 14.78 4.45
CA GLU B 445 12.20 14.62 3.01
C GLU B 445 11.30 13.52 2.47
N MET B 446 10.43 12.97 3.31
CA MET B 446 9.29 12.19 2.85
C MET B 446 8.17 13.13 2.42
N ARG B 447 7.63 13.90 3.36
CA ARG B 447 6.73 14.98 3.02
C ARG B 447 7.51 16.11 2.35
N ARG B 448 6.83 16.82 1.45
CA ARG B 448 7.41 17.73 0.46
C ARG B 448 8.20 16.98 -0.59
N LYS B 449 8.17 15.66 -0.59
CA LYS B 449 8.67 14.88 -1.72
C LYS B 449 7.69 13.79 -2.15
N THR B 450 6.78 13.35 -1.29
CA THR B 450 5.66 12.54 -1.75
C THR B 450 4.50 13.41 -2.21
N LEU B 451 4.42 14.66 -1.73
CA LEU B 451 3.43 15.59 -2.26
C LEU B 451 3.69 15.91 -3.73
N LEU B 452 4.97 15.97 -4.13
CA LEU B 452 5.30 16.05 -5.54
C LEU B 452 5.02 14.75 -6.27
N ALA B 453 4.73 13.68 -5.54
CA ALA B 453 4.29 12.43 -6.15
C ALA B 453 2.79 12.22 -5.97
N LEU B 454 2.08 13.21 -5.47
CA LEU B 454 0.62 13.13 -5.36
C LEU B 454 -0.10 14.01 -6.37
N PHE B 455 0.58 14.99 -6.95
CA PHE B 455 0.02 15.81 -8.02
C PHE B 455 0.48 15.34 -9.39
N THR B 456 1.63 14.67 -9.45
CA THR B 456 2.06 14.03 -10.69
C THR B 456 1.21 12.82 -11.04
N ASP B 457 0.58 12.19 -10.06
CA ASP B 457 -0.14 10.95 -10.32
C ASP B 457 -1.60 11.16 -10.67
N HIS B 458 -2.25 12.16 -10.06
CA HIS B 458 -3.68 12.32 -10.26
C HIS B 458 -4.01 13.11 -11.52
N GLN B 459 -3.04 13.76 -12.15
CA GLN B 459 -3.28 14.58 -13.34
C GLN B 459 -2.58 14.06 -14.59
N TRP B 460 -1.28 13.80 -14.53
CA TRP B 460 -0.54 13.37 -15.72
C TRP B 460 -0.30 11.88 -15.80
N VAL B 461 -0.29 11.14 -14.68
CA VAL B 461 0.15 9.76 -14.71
C VAL B 461 -1.01 8.78 -14.75
N ALA B 462 -2.13 9.11 -14.11
CA ALA B 462 -3.17 8.10 -14.24
C ALA B 462 -4.51 8.60 -14.77
N PRO B 463 -4.54 9.54 -15.73
CA PRO B 463 -5.53 9.45 -16.81
C PRO B 463 -4.91 8.91 -18.08
N ALA B 464 -3.58 8.82 -18.09
CA ALA B 464 -2.88 8.42 -19.30
C ALA B 464 -3.05 6.93 -19.57
N VAL B 465 -2.89 6.10 -18.53
CA VAL B 465 -3.00 4.66 -18.73
C VAL B 465 -4.45 4.27 -19.01
N ALA B 466 -5.41 5.04 -18.49
CA ALA B 466 -6.81 4.77 -18.81
C ALA B 466 -7.08 5.03 -20.29
N THR B 467 -6.44 6.03 -20.88
CA THR B 467 -6.53 6.24 -22.32
C THR B 467 -5.77 5.19 -23.10
N ALA B 468 -4.69 4.66 -22.52
CA ALA B 468 -3.91 3.64 -23.24
C ALA B 468 -4.67 2.32 -23.33
N LYS B 469 -5.23 1.85 -22.20
CA LYS B 469 -5.92 0.57 -22.21
C LYS B 469 -7.08 0.56 -23.20
N LEU B 470 -8.03 1.46 -22.99
CA LEU B 470 -9.27 1.44 -23.77
C LEU B 470 -9.04 1.71 -25.24
N HIS B 471 -7.92 2.33 -25.60
CA HIS B 471 -7.58 2.53 -27.00
C HIS B 471 -6.79 1.37 -27.57
N ALA B 472 -6.11 0.61 -26.74
CA ALA B 472 -5.44 -0.61 -27.19
C ALA B 472 -6.40 -1.77 -27.38
N ASP B 473 -7.50 -1.81 -26.60
CA ASP B 473 -8.46 -2.90 -26.74
C ASP B 473 -9.10 -2.91 -28.13
N TYR B 474 -9.48 -1.74 -28.63
CA TYR B 474 -10.23 -1.69 -29.88
C TYR B 474 -9.32 -1.80 -31.10
N GLN B 475 -8.44 -2.80 -31.12
CA GLN B 475 -7.58 -3.10 -32.25
C GLN B 475 -6.92 -1.84 -32.82
N SER B 476 -6.09 -1.22 -31.97
CA SER B 476 -5.32 -0.06 -32.37
C SER B 476 -4.01 -0.05 -31.60
N PRO B 477 -2.94 0.48 -32.19
CA PRO B 477 -1.65 0.52 -31.49
C PRO B 477 -1.49 1.77 -30.64
N VAL B 478 -1.16 1.61 -29.37
CA VAL B 478 -0.86 2.72 -28.47
C VAL B 478 0.48 2.45 -27.81
N TYR B 479 1.37 3.44 -27.86
CA TYR B 479 2.71 3.33 -27.32
C TYR B 479 2.79 4.08 -25.99
N PHE B 480 4.00 4.17 -25.42
CA PHE B 480 4.17 4.84 -24.14
C PHE B 480 5.65 5.18 -23.99
N TYR B 481 5.96 6.05 -23.03
CA TYR B 481 7.34 6.37 -22.69
C TYR B 481 7.34 7.12 -21.37
N THR B 482 8.55 7.35 -20.83
CA THR B 482 8.69 8.05 -19.56
C THR B 482 10.05 8.76 -19.54
N PHE B 483 10.03 10.06 -19.73
CA PHE B 483 11.24 10.87 -19.78
C PHE B 483 11.80 11.08 -18.37
N TYR B 484 13.13 11.17 -18.28
CA TYR B 484 13.81 11.35 -16.99
C TYR B 484 14.89 12.42 -16.93
N HIS B 485 15.61 12.73 -18.00
CA HIS B 485 16.88 13.43 -17.92
C HIS B 485 16.76 14.82 -18.52
N HIS B 486 17.31 15.81 -17.81
CA HIS B 486 17.20 17.20 -18.20
C HIS B 486 18.57 17.85 -18.27
N CYS B 487 18.65 18.96 -19.00
CA CYS B 487 19.85 19.77 -19.02
C CYS B 487 20.02 20.47 -17.67
N GLN B 488 21.15 20.25 -17.01
CA GLN B 488 21.32 20.69 -15.64
C GLN B 488 21.52 22.21 -15.58
N ALA B 489 20.78 22.86 -14.71
CA ALA B 489 20.84 24.31 -14.53
C ALA B 489 20.55 24.62 -13.06
N GLU B 490 20.25 25.87 -12.76
CA GLU B 490 19.94 26.25 -11.38
C GLU B 490 18.68 25.55 -10.91
N GLY B 491 18.71 25.07 -9.67
CA GLY B 491 17.57 24.39 -9.09
C GLY B 491 17.11 23.17 -9.86
N ARG B 492 18.03 22.48 -10.53
CA ARG B 492 17.71 21.29 -11.31
C ARG B 492 18.71 20.17 -11.04
N PRO B 493 18.73 19.64 -9.82
CA PRO B 493 19.52 18.43 -9.56
C PRO B 493 18.72 17.20 -9.99
N GLU B 494 19.24 16.03 -9.66
CA GLU B 494 18.44 14.83 -9.86
C GLU B 494 17.29 14.75 -8.86
N TRP B 495 17.33 15.55 -7.80
CA TRP B 495 16.15 15.76 -6.98
C TRP B 495 15.03 16.39 -7.79
N ALA B 496 15.38 17.22 -8.78
CA ALA B 496 14.41 17.94 -9.59
C ALA B 496 14.44 17.36 -11.01
N ASP B 497 13.48 16.48 -11.28
CA ASP B 497 13.37 15.82 -12.58
C ASP B 497 12.70 16.76 -13.58
N ALA B 498 12.25 16.21 -14.72
CA ALA B 498 11.73 16.97 -15.85
C ALA B 498 10.89 18.19 -15.44
N ALA B 499 9.87 18.01 -14.61
CA ALA B 499 9.05 19.10 -14.08
C ALA B 499 8.30 19.90 -15.14
N HIS B 500 7.39 19.25 -15.87
CA HIS B 500 6.49 19.88 -16.83
C HIS B 500 7.26 20.77 -17.81
N GLY B 501 8.09 20.12 -18.60
CA GLY B 501 9.05 20.77 -19.46
C GLY B 501 10.37 20.06 -19.36
N ASP B 502 11.35 20.61 -20.10
CA ASP B 502 12.65 20.01 -20.35
C ASP B 502 12.58 18.83 -21.31
N GLU B 503 11.41 18.51 -21.87
CA GLU B 503 11.34 17.63 -23.03
C GLU B 503 11.32 18.40 -24.32
N LEU B 504 10.96 19.69 -24.26
CA LEU B 504 10.77 20.46 -25.49
C LEU B 504 12.10 20.82 -26.14
N PRO B 505 13.10 21.34 -25.42
CA PRO B 505 14.39 21.62 -26.09
C PRO B 505 14.98 20.43 -26.82
N TYR B 506 14.88 19.23 -26.22
CA TYR B 506 15.53 18.07 -26.83
C TYR B 506 14.86 17.67 -28.13
N VAL B 507 13.53 17.68 -28.17
CA VAL B 507 12.83 17.41 -29.43
C VAL B 507 12.97 18.57 -30.40
N PHE B 508 13.34 19.75 -29.93
CA PHE B 508 13.52 20.91 -30.80
C PHE B 508 14.95 21.13 -31.26
N GLY B 509 15.91 20.40 -30.69
CA GLY B 509 17.28 20.49 -31.15
C GLY B 509 18.07 21.67 -30.62
N VAL B 510 17.61 22.31 -29.55
CA VAL B 510 18.30 23.45 -28.96
C VAL B 510 19.77 23.14 -28.65
N PRO B 511 20.11 21.98 -28.05
CA PRO B 511 21.54 21.70 -27.85
C PRO B 511 22.34 21.59 -29.13
N MET B 512 21.77 20.98 -30.17
CA MET B 512 22.56 20.62 -31.35
C MET B 512 23.01 21.81 -32.18
N VAL B 513 22.51 23.02 -31.92
CA VAL B 513 22.96 24.19 -32.64
C VAL B 513 23.32 25.30 -31.66
N GLY B 514 23.58 24.93 -30.42
CA GLY B 514 23.92 25.94 -29.42
C GLY B 514 22.69 26.50 -28.75
N ALA B 515 22.88 26.94 -27.51
CA ALA B 515 21.76 27.42 -26.70
C ALA B 515 21.17 28.69 -27.31
N THR B 516 19.85 28.76 -27.32
CA THR B 516 19.13 29.94 -27.80
C THR B 516 18.89 30.89 -26.63
N ASP B 517 18.03 31.89 -26.84
CA ASP B 517 17.77 32.88 -25.81
C ASP B 517 16.91 32.32 -24.69
N LEU B 518 15.71 31.84 -25.04
CA LEU B 518 14.73 31.44 -24.03
C LEU B 518 15.13 30.16 -23.30
N PHE B 519 16.09 29.40 -23.81
CA PHE B 519 16.58 28.22 -23.10
C PHE B 519 18.01 28.43 -22.61
N PRO B 520 18.23 29.10 -21.47
CA PRO B 520 19.59 29.18 -20.92
C PRO B 520 19.91 27.94 -20.11
N CYS B 521 20.95 27.23 -20.52
CA CYS B 521 21.44 26.08 -19.77
C CYS B 521 22.95 25.97 -20.04
N ASN B 522 23.54 24.83 -19.71
CA ASN B 522 24.95 24.56 -20.02
C ASN B 522 24.98 23.23 -20.78
N PHE B 523 24.87 23.32 -22.11
CA PHE B 523 24.84 22.12 -22.93
C PHE B 523 26.19 21.42 -22.90
N SER B 524 26.14 20.10 -22.95
CA SER B 524 27.32 19.25 -23.02
C SER B 524 27.17 18.28 -24.19
N LYS B 525 28.20 17.44 -24.39
CA LYS B 525 28.11 16.38 -25.38
C LYS B 525 27.28 15.21 -24.90
N ASN B 526 26.89 15.19 -23.63
CA ASN B 526 25.98 14.16 -23.14
C ASN B 526 24.56 14.41 -23.62
N ASP B 527 24.12 15.68 -23.59
CA ASP B 527 22.78 16.01 -24.02
C ASP B 527 22.59 15.77 -25.51
N VAL B 528 23.61 16.08 -26.32
CA VAL B 528 23.44 16.11 -27.77
C VAL B 528 23.17 14.73 -28.34
N MET B 529 23.52 13.65 -27.64
CA MET B 529 23.17 12.33 -28.15
C MET B 529 21.69 12.02 -27.98
N LEU B 530 21.05 12.58 -26.95
CA LEU B 530 19.62 12.33 -26.76
C LEU B 530 18.80 12.87 -27.92
N SER B 531 19.21 14.00 -28.49
CA SER B 531 18.45 14.60 -29.58
C SER B 531 18.39 13.66 -30.78
N ALA B 532 19.48 12.94 -31.05
CA ALA B 532 19.49 12.03 -32.19
C ALA B 532 18.37 11.00 -32.09
N VAL B 533 18.27 10.32 -30.95
CA VAL B 533 17.26 9.28 -30.80
C VAL B 533 15.86 9.89 -30.70
N VAL B 534 15.70 11.01 -29.98
CA VAL B 534 14.35 11.56 -29.81
C VAL B 534 13.86 12.32 -31.03
N MET B 535 14.72 12.59 -32.01
CA MET B 535 14.29 13.10 -33.30
C MET B 535 14.34 12.04 -34.38
N THR B 536 14.86 10.84 -34.07
CA THR B 536 14.66 9.71 -34.97
C THR B 536 13.33 9.02 -34.69
N TYR B 537 12.96 8.87 -33.42
CA TYR B 537 11.68 8.26 -33.07
C TYR B 537 10.51 9.07 -33.62
N TRP B 538 10.39 10.34 -33.20
CA TRP B 538 9.33 11.25 -33.63
C TRP B 538 9.32 11.59 -35.12
N THR B 539 10.25 11.05 -35.89
CA THR B 539 10.25 11.25 -37.34
C THR B 539 9.98 9.96 -38.10
N ASN B 540 10.67 8.87 -37.73
CA ASN B 540 10.29 7.54 -38.19
C ASN B 540 8.82 7.27 -37.89
N PHE B 541 8.31 7.79 -36.77
CA PHE B 541 6.89 7.67 -36.46
C PHE B 541 6.03 8.28 -37.55
N ALA B 542 6.20 9.58 -37.81
CA ALA B 542 5.43 10.22 -38.86
C ALA B 542 5.61 9.52 -40.20
N LYS B 543 6.79 8.92 -40.42
CA LYS B 543 6.99 8.15 -41.64
C LYS B 543 6.07 6.93 -41.70
N THR B 544 6.08 6.10 -40.65
CA THR B 544 5.37 4.82 -40.71
C THR B 544 4.62 4.44 -39.44
N GLY B 545 4.60 5.26 -38.41
CA GLY B 545 3.90 4.90 -37.19
C GLY B 545 4.72 4.03 -36.26
N ASP B 546 5.38 3.02 -36.80
CA ASP B 546 6.32 2.43 -35.85
C ASP B 546 7.55 3.31 -35.74
N PRO B 547 8.04 3.58 -34.52
CA PRO B 547 9.12 4.56 -34.36
C PRO B 547 10.49 4.06 -34.77
N ASN B 548 10.62 2.85 -35.31
CA ASN B 548 11.95 2.26 -35.45
C ASN B 548 12.24 1.60 -36.79
N GLN B 549 11.24 1.24 -37.61
CA GLN B 549 11.48 0.30 -38.70
C GLN B 549 12.46 0.83 -39.76
N PRO B 550 12.29 2.05 -40.35
CA PRO B 550 13.29 2.52 -41.32
C PRO B 550 14.73 2.57 -40.83
N VAL B 551 15.00 3.34 -39.78
CA VAL B 551 16.37 3.65 -39.41
C VAL B 551 16.59 3.30 -37.95
N PRO B 552 17.84 3.01 -37.55
CA PRO B 552 18.18 2.73 -36.15
C PRO B 552 18.49 4.00 -35.36
N ASN B 563 22.32 9.13 -24.93
CA ASN B 563 22.44 7.81 -25.55
C ASN B 563 22.81 6.78 -24.50
N ARG B 564 24.09 6.37 -24.51
CA ARG B 564 24.67 5.43 -23.56
C ARG B 564 24.17 4.01 -23.82
N PHE B 565 23.21 3.87 -24.72
CA PHE B 565 22.65 2.58 -25.10
C PHE B 565 22.08 2.71 -26.50
N GLU B 566 21.70 1.58 -27.09
CA GLU B 566 21.29 1.57 -28.48
C GLU B 566 20.42 0.35 -28.76
N GLU B 567 19.67 0.44 -29.85
CA GLU B 567 18.96 -0.66 -30.50
C GLU B 567 17.78 -1.21 -29.69
N VAL B 568 17.49 -0.67 -28.51
CA VAL B 568 16.38 -1.18 -27.71
C VAL B 568 15.09 -1.02 -28.49
N VAL B 569 14.30 -2.10 -28.54
CA VAL B 569 13.11 -2.13 -29.39
C VAL B 569 11.98 -1.37 -28.72
N TRP B 570 11.18 -0.67 -29.52
CA TRP B 570 10.14 0.20 -29.00
C TRP B 570 8.94 -0.69 -28.72
N SER B 571 8.68 -0.97 -27.44
CA SER B 571 7.64 -1.93 -27.06
C SER B 571 6.29 -1.26 -26.93
N LYS B 572 5.24 -1.99 -27.30
CA LYS B 572 3.89 -1.46 -27.37
C LYS B 572 3.27 -1.39 -25.97
N PHE B 573 1.97 -1.08 -25.94
CA PHE B 573 1.19 -1.08 -24.72
C PHE B 573 -0.09 -1.87 -24.98
N ASN B 574 -0.27 -2.97 -24.24
CA ASN B 574 -1.46 -3.79 -24.33
C ASN B 574 -1.96 -4.05 -22.91
N SER B 575 -3.26 -4.32 -22.80
CA SER B 575 -3.91 -4.31 -21.49
C SER B 575 -3.29 -5.33 -20.53
N LYS B 576 -2.72 -6.42 -21.05
CA LYS B 576 -2.27 -7.49 -20.17
C LYS B 576 -0.98 -7.14 -19.44
N GLU B 577 -0.01 -6.53 -20.13
CA GLU B 577 1.32 -6.35 -19.55
C GLU B 577 1.71 -4.91 -19.24
N LYS B 578 1.29 -3.94 -20.04
CA LYS B 578 1.52 -2.51 -19.75
C LYS B 578 3.01 -2.19 -19.65
N GLN B 579 3.68 -2.34 -20.80
CA GLN B 579 5.13 -2.14 -20.89
C GLN B 579 5.43 -0.70 -21.30
N TYR B 580 5.95 0.11 -20.37
CA TYR B 580 6.47 1.43 -20.72
C TYR B 580 7.92 1.27 -21.11
N LEU B 581 8.52 2.33 -21.64
CA LEU B 581 9.79 2.12 -22.32
C LEU B 581 10.97 2.91 -21.75
N HIS B 582 10.75 3.98 -20.99
CA HIS B 582 11.85 4.68 -20.34
C HIS B 582 12.87 5.21 -21.35
N ILE B 583 12.42 6.19 -22.14
CA ILE B 583 13.36 7.01 -22.89
C ILE B 583 13.79 8.10 -21.93
N GLY B 584 14.73 7.75 -21.06
CA GLY B 584 15.22 8.65 -20.04
C GLY B 584 16.70 8.87 -20.16
N LEU B 585 17.44 8.26 -19.23
CA LEU B 585 18.88 8.38 -19.16
C LEU B 585 19.63 7.13 -19.63
N LYS B 586 19.02 5.94 -19.54
CA LYS B 586 19.58 4.71 -20.11
C LYS B 586 18.42 3.86 -20.59
N PRO B 587 18.20 3.80 -21.91
CA PRO B 587 16.92 3.30 -22.42
C PRO B 587 16.65 1.82 -22.19
N ARG B 588 16.26 1.44 -20.97
CA ARG B 588 15.86 0.07 -20.69
C ARG B 588 14.34 -0.07 -20.76
N VAL B 589 13.89 -1.17 -21.36
CA VAL B 589 12.44 -1.37 -21.63
C VAL B 589 11.87 -2.08 -20.41
N ARG B 590 11.49 -1.29 -19.41
CA ARG B 590 10.93 -1.84 -18.18
C ARG B 590 9.43 -2.11 -18.37
N ASP B 591 8.73 -2.36 -17.28
CA ASP B 591 7.35 -2.83 -17.36
C ASP B 591 6.53 -2.32 -16.19
N ASN B 592 5.26 -2.01 -16.47
CA ASN B 592 4.22 -1.77 -15.46
C ASN B 592 4.59 -0.60 -14.54
N TYR B 593 4.63 0.59 -15.14
CA TYR B 593 4.96 1.80 -14.39
C TYR B 593 4.01 2.01 -13.22
N ARG B 594 4.57 2.13 -12.02
CA ARG B 594 3.85 2.46 -10.78
C ARG B 594 2.52 1.72 -10.68
N ALA B 595 2.61 0.39 -10.61
CA ALA B 595 1.40 -0.42 -10.56
C ALA B 595 0.54 -0.08 -9.34
N ASN B 596 1.18 0.05 -8.18
CA ASN B 596 0.43 0.33 -6.96
C ASN B 596 -0.35 1.64 -7.07
N LYS B 597 0.33 2.71 -7.45
CA LYS B 597 -0.32 4.03 -7.46
C LYS B 597 -1.34 4.13 -8.60
N VAL B 598 -1.02 3.59 -9.77
CA VAL B 598 -1.96 3.62 -10.88
C VAL B 598 -3.23 2.86 -10.51
N ALA B 599 -3.08 1.66 -9.93
CA ALA B 599 -4.25 0.88 -9.52
C ALA B 599 -5.01 1.53 -8.38
N PHE B 600 -4.32 2.20 -7.46
CA PHE B 600 -5.00 2.93 -6.41
C PHE B 600 -5.89 4.02 -6.99
N TRP B 601 -5.32 4.84 -7.88
CA TRP B 601 -6.08 5.96 -8.42
C TRP B 601 -7.11 5.55 -9.45
N LEU B 602 -6.98 4.37 -10.04
CA LEU B 602 -7.86 4.01 -11.15
C LEU B 602 -8.89 2.93 -10.83
N GLU B 603 -8.63 2.04 -9.87
CA GLU B 603 -9.47 0.87 -9.68
C GLU B 603 -9.90 0.65 -8.23
N LEU B 604 -9.53 1.53 -7.30
CA LEU B 604 -9.98 1.45 -5.93
C LEU B 604 -10.83 2.63 -5.52
N VAL B 605 -10.37 3.85 -5.80
CA VAL B 605 -11.04 5.07 -5.35
C VAL B 605 -12.43 5.26 -5.98
N PRO B 606 -12.74 4.76 -7.17
CA PRO B 606 -14.12 4.93 -7.67
C PRO B 606 -15.18 4.29 -6.78
N HIS B 607 -14.83 3.23 -6.04
CA HIS B 607 -15.81 2.61 -5.15
C HIS B 607 -16.13 3.48 -3.95
N LEU B 608 -15.13 4.20 -3.44
CA LEU B 608 -15.36 5.00 -2.24
C LEU B 608 -16.40 6.08 -2.45
N HIS B 609 -16.71 6.43 -3.69
CA HIS B 609 -17.81 7.36 -3.97
C HIS B 609 -18.86 6.70 -4.85
#